data_5TH6
#
_entry.id   5TH6
#
_cell.length_a   76.546
_cell.length_b   69.233
_cell.length_c   84.093
_cell.angle_alpha   90.000
_cell.angle_beta   101.770
_cell.angle_gamma   90.000
#
_symmetry.space_group_name_H-M   'P 1 21 1'
#
loop_
_entity.id
_entity.type
_entity.pdbx_description
1 polymer 'Matrix metalloproteinase-9,Matrix metalloproteinase-9'
2 non-polymer 'ZINC ION'
3 non-polymer 'CALCIUM ION'
4 water water
#
_entity_poly.entity_id   1
_entity_poly.type   'polypeptide(L)'
_entity_poly.pdbx_seq_one_letter_code
;MATDRQLAEEYLYRYGYTRVAEMRGESKSLGPALLLLQKQLSLPETGELDSATLKAMRTPRCGVPDLGRFQTFEGDLKWH
HHNITYWIQNYSEDLPRAVIDDAFARAFALWSAVTPLTFTRVYSRDADIVIQFGVAEHGDGYPFDGKDGLLAHAFPPGPG
IQGDAHFDDDELWSLGKGQGYSLFLVAAHEFGHALGLDHSSVPEALMYPMYRFTEGPPLHKDDVNGIRHLY
;
_entity_poly.pdbx_strand_id   A,B,C,D
#
loop_
_chem_comp.id
_chem_comp.type
_chem_comp.name
_chem_comp.formula
CA non-polymer 'CALCIUM ION' 'Ca 2'
ZN non-polymer 'ZINC ION' 'Zn 2'
#
# COMPACT_ATOMS: atom_id res chain seq x y z
N ASP A 4 -21.13 32.37 30.26
CA ASP A 4 -21.23 32.39 28.80
C ASP A 4 -19.98 33.02 28.16
N ARG A 5 -19.57 34.18 28.65
CA ARG A 5 -18.38 34.82 28.08
C ARG A 5 -17.13 33.99 28.34
N GLN A 6 -17.11 33.19 29.41
CA GLN A 6 -15.97 32.30 29.66
C GLN A 6 -15.97 31.13 28.68
N LEU A 7 -17.14 30.54 28.44
CA LEU A 7 -17.24 29.50 27.41
C LEU A 7 -16.80 30.03 26.06
N ALA A 8 -17.28 31.21 25.68
CA ALA A 8 -16.91 31.81 24.41
C ALA A 8 -15.40 32.02 24.31
N GLU A 9 -14.79 32.56 25.37
CA GLU A 9 -13.35 32.79 25.34
C GLU A 9 -12.60 31.48 25.08
N GLU A 10 -13.01 30.38 25.73
CA GLU A 10 -12.30 29.12 25.58
C GLU A 10 -12.54 28.50 24.22
N TYR A 11 -13.77 28.60 23.70
CA TYR A 11 -14.07 28.05 22.38
C TYR A 11 -13.33 28.81 21.29
N LEU A 12 -13.38 30.13 21.34
CA LEU A 12 -12.75 30.95 20.32
C LEU A 12 -11.24 30.77 20.34
N TYR A 13 -10.68 30.47 21.52
CA TYR A 13 -9.25 30.20 21.64
C TYR A 13 -8.92 28.82 21.09
N ARG A 14 -9.66 27.80 21.54
CA ARG A 14 -9.32 26.43 21.21
C ARG A 14 -9.36 26.18 19.70
N TYR A 15 -10.34 26.75 19.01
CA TYR A 15 -10.58 26.37 17.62
C TYR A 15 -9.96 27.35 16.63
N GLY A 16 -9.13 28.30 17.09
CA GLY A 16 -8.30 29.10 16.22
C GLY A 16 -8.80 30.49 15.91
N TYR A 17 -10.02 30.84 16.36
CA TYR A 17 -10.58 32.13 16.01
C TYR A 17 -9.85 33.27 16.68
N THR A 18 -9.49 33.12 17.95
CA THR A 18 -8.83 34.21 18.65
C THR A 18 -7.48 34.54 18.04
N ARG A 19 -6.72 33.50 17.63
CA ARG A 19 -5.42 33.75 17.00
C ARG A 19 -5.57 34.62 15.75
N VAL A 20 -6.51 34.24 14.87
CA VAL A 20 -6.74 34.97 13.63
C VAL A 20 -7.21 36.39 13.91
N ALA A 21 -8.25 36.53 14.73
CA ALA A 21 -8.77 37.85 15.12
C ALA A 21 -7.66 38.82 15.55
N LEU A 30 -14.90 40.63 21.52
CA LEU A 30 -15.08 39.30 20.96
C LEU A 30 -15.66 39.34 19.55
N GLY A 31 -16.17 40.51 19.16
CA GLY A 31 -16.94 40.69 17.95
C GLY A 31 -16.30 40.10 16.71
N PRO A 32 -15.08 40.56 16.38
CA PRO A 32 -14.40 40.01 15.17
C PRO A 32 -14.20 38.51 15.21
N ALA A 33 -13.77 37.94 16.34
CA ALA A 33 -13.63 36.50 16.42
C ALA A 33 -14.99 35.81 16.32
N LEU A 34 -16.04 36.39 16.93
CA LEU A 34 -17.36 35.79 16.81
C LEU A 34 -17.85 35.81 15.37
N LEU A 35 -17.56 36.89 14.65
CA LEU A 35 -17.88 36.96 13.23
C LEU A 35 -17.18 35.86 12.45
N LEU A 36 -15.89 35.63 12.74
CA LEU A 36 -15.17 34.53 12.07
C LEU A 36 -15.82 33.19 12.35
N LEU A 37 -16.24 32.97 13.61
CA LEU A 37 -16.91 31.72 13.96
C LEU A 37 -18.26 31.60 13.27
N GLN A 38 -19.03 32.69 13.23
CA GLN A 38 -20.35 32.61 12.60
C GLN A 38 -20.22 32.34 11.11
N LYS A 39 -19.21 32.92 10.47
CA LYS A 39 -18.97 32.61 9.06
C LYS A 39 -18.58 31.14 8.90
N GLN A 40 -17.65 30.68 9.73
CA GLN A 40 -17.12 29.33 9.60
C GLN A 40 -18.18 28.27 9.87
N LEU A 41 -19.11 28.53 10.79
CA LEU A 41 -20.15 27.57 11.13
C LEU A 41 -21.47 27.80 10.40
N SER A 42 -21.55 28.83 9.54
CA SER A 42 -22.77 29.19 8.79
C SER A 42 -23.91 29.55 9.74
N LEU A 43 -23.59 30.36 10.75
CA LEU A 43 -24.57 30.96 11.65
C LEU A 43 -24.85 32.37 11.21
N PRO A 44 -25.98 32.95 11.60
CA PRO A 44 -26.20 34.37 11.31
C PRO A 44 -25.03 35.19 11.85
N GLU A 45 -24.49 36.05 11.00
CA GLU A 45 -23.26 36.78 11.30
C GLU A 45 -23.59 38.11 11.97
N THR A 46 -24.00 37.99 13.23
CA THR A 46 -24.33 39.16 14.05
C THR A 46 -23.11 39.82 14.69
N GLY A 47 -22.02 39.08 14.86
CA GLY A 47 -20.92 39.56 15.67
C GLY A 47 -21.20 39.55 17.16
N GLU A 48 -22.28 38.92 17.60
CA GLU A 48 -22.71 38.96 18.98
C GLU A 48 -22.71 37.56 19.59
N LEU A 49 -22.41 37.51 20.89
CA LEU A 49 -22.52 36.26 21.65
C LEU A 49 -24.00 36.00 21.95
N ASP A 50 -24.73 35.64 20.90
CA ASP A 50 -26.17 35.49 20.98
C ASP A 50 -26.55 34.02 21.19
N SER A 51 -27.86 33.78 21.22
CA SER A 51 -28.36 32.45 21.60
C SER A 51 -27.92 31.39 20.59
N ALA A 52 -27.95 31.72 19.29
CA ALA A 52 -27.56 30.74 18.28
C ALA A 52 -26.08 30.43 18.37
N THR A 53 -25.26 31.45 18.64
CA THR A 53 -23.83 31.22 18.79
C THR A 53 -23.53 30.43 20.05
N LEU A 54 -24.19 30.76 21.16
CA LEU A 54 -23.96 29.99 22.40
C LEU A 54 -24.42 28.55 22.23
N LYS A 55 -25.56 28.33 21.58
CA LYS A 55 -26.02 26.97 21.34
C LYS A 55 -25.00 26.22 20.49
N ALA A 56 -24.46 26.89 19.47
CA ALA A 56 -23.42 26.27 18.65
C ALA A 56 -22.21 25.90 19.49
N MET A 57 -21.74 26.83 20.33
CA MET A 57 -20.57 26.57 21.15
C MET A 57 -20.81 25.43 22.16
N ARG A 58 -22.06 25.23 22.58
CA ARG A 58 -22.35 24.17 23.52
C ARG A 58 -22.64 22.84 22.83
N THR A 59 -22.49 22.75 21.56
CA THR A 59 -22.79 21.53 20.82
C THR A 59 -21.53 20.67 20.74
N PRO A 60 -21.64 19.36 20.99
CA PRO A 60 -20.48 18.48 20.91
C PRO A 60 -19.92 18.50 19.51
N ARG A 61 -18.61 18.35 19.40
CA ARG A 61 -18.00 18.61 18.09
C ARG A 61 -16.62 17.97 18.05
N CYS A 62 -15.98 18.13 16.89
CA CYS A 62 -14.64 17.64 16.65
C CYS A 62 -13.59 18.53 17.31
N GLY A 63 -12.54 17.90 17.82
CA GLY A 63 -11.46 18.61 18.48
C GLY A 63 -10.47 19.31 17.57
N VAL A 64 -10.51 19.06 16.26
CA VAL A 64 -9.59 19.72 15.32
C VAL A 64 -9.93 21.20 15.21
N PRO A 65 -8.96 22.10 15.23
CA PRO A 65 -9.26 23.53 15.07
C PRO A 65 -9.87 23.84 13.71
N ASP A 66 -10.64 24.92 13.69
CA ASP A 66 -11.32 25.36 12.47
C ASP A 66 -10.43 26.25 11.63
N LEU A 67 -9.78 27.22 12.26
CA LEU A 67 -8.85 28.12 11.60
C LEU A 67 -7.45 27.76 12.05
N GLY A 68 -6.53 27.64 11.10
CA GLY A 68 -5.20 27.18 11.45
C GLY A 68 -5.18 25.70 11.76
N ARG A 69 -4.06 25.27 12.36
CA ARG A 69 -3.84 23.85 12.59
C ARG A 69 -3.32 23.64 14.00
N PHE A 70 -3.39 22.38 14.46
CA PHE A 70 -2.78 22.02 15.74
C PHE A 70 -1.35 22.53 15.84
N GLN A 71 -0.59 22.39 14.75
CA GLN A 71 0.85 22.61 14.79
C GLN A 71 1.34 22.68 13.36
N THR A 72 2.62 22.96 13.20
CA THR A 72 3.26 22.78 11.90
C THR A 72 3.41 21.28 11.65
N PHE A 73 2.90 20.83 10.50
CA PHE A 73 3.01 19.43 10.12
C PHE A 73 4.02 19.30 9.00
N GLU A 74 4.46 18.08 8.75
CA GLU A 74 5.42 17.80 7.69
C GLU A 74 4.71 17.38 6.40
N GLY A 75 5.19 17.90 5.28
CA GLY A 75 4.73 17.45 3.99
C GLY A 75 3.59 18.27 3.47
N ASP A 76 3.03 17.84 2.34
CA ASP A 76 1.95 18.56 1.70
C ASP A 76 0.58 18.12 2.15
N LEU A 77 0.52 17.25 3.17
CA LEU A 77 -0.73 16.92 3.88
C LEU A 77 -1.70 16.08 3.05
N LYS A 78 -1.20 15.27 2.11
CA LYS A 78 -2.03 14.23 1.51
C LYS A 78 -1.15 13.00 1.34
N TRP A 79 -1.81 11.85 1.25
CA TRP A 79 -1.10 10.59 1.04
C TRP A 79 -0.61 10.48 -0.38
N HIS A 80 0.57 9.87 -0.53
CA HIS A 80 1.19 9.65 -1.83
C HIS A 80 1.35 8.17 -2.15
N HIS A 81 0.63 7.31 -1.44
CA HIS A 81 0.43 5.93 -1.79
C HIS A 81 -1.04 5.61 -1.59
N HIS A 82 -1.50 4.55 -2.22
CA HIS A 82 -2.93 4.28 -2.23
C HIS A 82 -3.38 3.14 -1.34
N ASN A 83 -2.47 2.26 -0.91
CA ASN A 83 -2.82 1.20 0.03
C ASN A 83 -2.61 1.73 1.45
N ILE A 84 -3.68 2.27 2.05
CA ILE A 84 -3.60 2.86 3.37
C ILE A 84 -3.86 1.77 4.39
N THR A 85 -3.02 1.72 5.42
CA THR A 85 -3.19 0.76 6.49
C THR A 85 -3.62 1.47 7.75
N TYR A 86 -4.38 0.77 8.58
CA TYR A 86 -4.80 1.32 9.85
C TYR A 86 -4.67 0.29 10.95
N TRP A 87 -4.33 0.75 12.15
CA TRP A 87 -4.14 -0.12 13.30
C TRP A 87 -5.07 0.33 14.40
N ILE A 88 -5.93 -0.58 14.86
CA ILE A 88 -6.80 -0.33 16.00
C ILE A 88 -5.97 -0.64 17.23
N GLN A 89 -5.33 0.39 17.78
CA GLN A 89 -4.35 0.20 18.85
C GLN A 89 -4.99 -0.32 20.13
N ASN A 90 -6.21 0.13 20.43
CA ASN A 90 -6.90 -0.30 21.65
C ASN A 90 -8.40 -0.12 21.43
N TYR A 91 -9.18 -0.53 22.43
CA TYR A 91 -10.62 -0.63 22.30
C TYR A 91 -11.29 0.01 23.50
N SER A 92 -12.31 0.81 23.23
CA SER A 92 -13.22 1.20 24.28
C SER A 92 -14.02 -0.01 24.75
N GLU A 93 -14.38 0.00 26.02
CA GLU A 93 -15.24 -1.04 26.57
C GLU A 93 -16.72 -0.79 26.30
N ASP A 94 -17.07 0.29 25.61
CA ASP A 94 -18.48 0.61 25.39
C ASP A 94 -19.14 -0.29 24.36
N LEU A 95 -18.37 -0.94 23.50
CA LEU A 95 -18.87 -1.70 22.39
C LEU A 95 -18.05 -2.96 22.25
N PRO A 96 -18.65 -4.07 21.78
CA PRO A 96 -17.86 -5.27 21.54
C PRO A 96 -16.79 -4.99 20.50
N ARG A 97 -15.67 -5.70 20.61
CA ARG A 97 -14.56 -5.54 19.68
C ARG A 97 -15.03 -5.59 18.24
N ALA A 98 -15.84 -6.60 17.91
CA ALA A 98 -16.29 -6.81 16.54
C ALA A 98 -17.17 -5.66 16.06
N VAL A 99 -17.92 -5.03 16.97
CA VAL A 99 -18.76 -3.90 16.57
C VAL A 99 -17.88 -2.68 16.29
N ILE A 100 -16.86 -2.46 17.12
CA ILE A 100 -15.88 -1.40 16.87
C ILE A 100 -15.16 -1.65 15.53
N ASP A 101 -14.69 -2.87 15.32
CA ASP A 101 -14.01 -3.21 14.06
C ASP A 101 -14.87 -2.85 12.86
N ASP A 102 -16.15 -3.22 12.93
CA ASP A 102 -17.05 -3.03 11.79
C ASP A 102 -17.39 -1.55 11.61
N ALA A 103 -17.51 -0.82 12.71
CA ALA A 103 -17.78 0.62 12.61
C ALA A 103 -16.65 1.34 11.86
N PHE A 104 -15.40 1.05 12.21
CA PHE A 104 -14.27 1.64 11.49
C PHE A 104 -14.21 1.16 10.05
N ALA A 105 -14.46 -0.15 9.83
CA ALA A 105 -14.47 -0.66 8.45
C ALA A 105 -15.52 0.05 7.59
N ARG A 106 -16.71 0.27 8.13
CA ARG A 106 -17.74 0.96 7.35
C ARG A 106 -17.34 2.42 7.11
N ALA A 107 -16.77 3.07 8.10
CA ALA A 107 -16.34 4.45 7.92
C ALA A 107 -15.28 4.56 6.83
N PHE A 108 -14.34 3.61 6.78
CA PHE A 108 -13.37 3.64 5.69
C PHE A 108 -14.03 3.35 4.35
N ALA A 109 -15.05 2.50 4.35
CA ALA A 109 -15.71 2.14 3.10
C ALA A 109 -16.36 3.34 2.44
N LEU A 110 -16.79 4.32 3.25
CA LEU A 110 -17.30 5.56 2.68
C LEU A 110 -16.24 6.23 1.80
N TRP A 111 -15.02 6.31 2.30
CA TRP A 111 -13.98 7.05 1.60
C TRP A 111 -13.34 6.24 0.48
N SER A 112 -13.28 4.92 0.63
CA SER A 112 -12.69 4.13 -0.44
C SER A 112 -13.54 4.14 -1.68
N ALA A 113 -14.88 4.26 -1.55
CA ALA A 113 -15.69 4.26 -2.77
C ALA A 113 -15.47 5.50 -3.62
N VAL A 114 -15.06 6.62 -3.02
CA VAL A 114 -14.97 7.88 -3.74
C VAL A 114 -13.54 8.32 -3.99
N THR A 115 -12.57 7.45 -3.70
CA THR A 115 -11.17 7.77 -3.89
C THR A 115 -10.47 6.60 -4.55
N PRO A 116 -9.24 6.78 -5.04
CA PRO A 116 -8.44 5.63 -5.45
C PRO A 116 -7.74 4.91 -4.31
N LEU A 117 -8.18 5.09 -3.07
CA LEU A 117 -7.48 4.56 -1.91
C LEU A 117 -8.11 3.25 -1.45
N THR A 118 -7.30 2.35 -0.92
CA THR A 118 -7.81 1.17 -0.24
C THR A 118 -7.38 1.23 1.23
N PHE A 119 -8.17 0.60 2.08
CA PHE A 119 -7.91 0.61 3.51
C PHE A 119 -7.81 -0.82 4.01
N THR A 120 -6.71 -1.15 4.69
CA THR A 120 -6.48 -2.50 5.18
C THR A 120 -6.10 -2.47 6.65
N ARG A 121 -6.76 -3.32 7.44
CA ARG A 121 -6.50 -3.37 8.87
C ARG A 121 -5.21 -4.13 9.12
N VAL A 122 -4.30 -3.51 9.87
CA VAL A 122 -3.06 -4.16 10.28
C VAL A 122 -3.04 -4.18 11.80
N TYR A 123 -2.02 -4.85 12.35
CA TYR A 123 -1.96 -5.06 13.79
C TYR A 123 -0.65 -4.54 14.35
N SER A 124 -0.03 -3.59 13.65
CA SER A 124 1.28 -3.04 13.98
C SER A 124 1.24 -1.52 14.05
N ARG A 125 2.17 -0.97 14.83
CA ARG A 125 2.39 0.48 14.90
C ARG A 125 2.79 1.07 13.56
N ASP A 126 3.19 0.25 12.58
CA ASP A 126 3.65 0.71 11.28
C ASP A 126 2.55 1.36 10.46
N ALA A 127 1.28 1.20 10.86
CA ALA A 127 0.15 1.65 10.07
C ALA A 127 0.25 3.13 9.73
N ASP A 128 -0.32 3.50 8.58
CA ASP A 128 -0.53 4.91 8.27
C ASP A 128 -1.43 5.57 9.30
N ILE A 129 -2.59 4.97 9.56
CA ILE A 129 -3.62 5.55 10.40
C ILE A 129 -3.68 4.72 11.68
N VAL A 130 -3.10 5.25 12.77
CA VAL A 130 -3.20 4.61 14.07
C VAL A 130 -4.43 5.15 14.78
N ILE A 131 -5.34 4.24 15.14
CA ILE A 131 -6.59 4.58 15.80
C ILE A 131 -6.46 4.28 17.28
N GLN A 132 -6.77 5.26 18.13
CA GLN A 132 -6.58 5.11 19.57
C GLN A 132 -7.79 5.67 20.31
N PHE A 133 -8.20 4.98 21.37
CA PHE A 133 -9.12 5.53 22.36
C PHE A 133 -8.30 6.02 23.56
N GLY A 134 -8.64 7.19 24.07
CA GLY A 134 -7.96 7.70 25.26
C GLY A 134 -8.79 8.75 25.95
N VAL A 135 -8.28 9.20 27.09
CA VAL A 135 -8.94 10.21 27.91
C VAL A 135 -7.91 11.25 28.33
N ALA A 136 -8.40 12.48 28.56
CA ALA A 136 -7.58 13.64 28.96
C ALA A 136 -6.31 13.69 28.14
N GLU A 137 -5.16 13.87 28.81
CA GLU A 137 -3.89 13.84 28.13
C GLU A 137 -3.52 12.40 27.81
N HIS A 138 -3.43 12.09 26.52
CA HIS A 138 -3.26 10.72 26.07
C HIS A 138 -2.01 10.56 25.22
N GLY A 139 -1.07 11.50 25.27
CA GLY A 139 0.24 11.25 24.70
C GLY A 139 0.64 12.17 23.57
N ASP A 140 -0.20 13.09 23.12
CA ASP A 140 0.16 13.97 22.03
C ASP A 140 0.13 15.44 22.40
N GLY A 141 -0.14 15.77 23.66
CA GLY A 141 -0.18 17.15 24.08
C GLY A 141 -1.43 17.89 23.70
N TYR A 142 -2.42 17.19 23.13
CA TYR A 142 -3.72 17.74 22.78
C TYR A 142 -4.77 17.01 23.61
N PRO A 143 -4.92 17.36 24.88
CA PRO A 143 -5.75 16.55 25.77
C PRO A 143 -7.23 16.62 25.42
N PHE A 144 -7.91 15.52 25.67
CA PHE A 144 -9.37 15.47 25.65
C PHE A 144 -9.95 16.13 26.91
N ASP A 145 -11.27 16.29 26.93
CA ASP A 145 -11.93 17.22 27.85
C ASP A 145 -13.01 16.55 28.72
N GLY A 146 -13.00 15.23 28.84
CA GLY A 146 -14.05 14.58 29.59
C GLY A 146 -15.28 14.40 28.72
N LYS A 147 -16.41 14.09 29.37
CA LYS A 147 -17.62 13.74 28.63
C LYS A 147 -18.14 14.94 27.84
N ASP A 148 -18.70 14.65 26.66
CA ASP A 148 -19.21 15.65 25.72
C ASP A 148 -18.13 16.66 25.35
N GLY A 149 -18.51 17.84 24.87
CA GLY A 149 -17.52 18.78 24.35
C GLY A 149 -16.90 18.24 23.08
N LEU A 150 -15.57 18.16 23.04
CA LEU A 150 -14.91 17.61 21.88
C LEU A 150 -14.92 16.10 21.98
N LEU A 151 -15.19 15.43 20.86
CA LEU A 151 -15.40 13.99 20.85
C LEU A 151 -14.21 13.19 20.35
N ALA A 152 -13.35 13.81 19.57
CA ALA A 152 -12.27 13.10 18.87
C ALA A 152 -11.44 14.13 18.13
N HIS A 153 -10.26 13.71 17.67
CA HIS A 153 -9.50 14.50 16.72
C HIS A 153 -8.67 13.59 15.83
N ALA A 154 -8.05 14.19 14.81
CA ALA A 154 -7.22 13.45 13.87
C ALA A 154 -6.23 14.41 13.25
N PHE A 155 -5.24 13.86 12.54
CA PHE A 155 -4.13 14.65 12.05
C PHE A 155 -3.95 14.39 10.56
N PRO A 156 -3.55 15.40 9.79
CA PRO A 156 -3.51 15.26 8.32
C PRO A 156 -2.45 14.26 7.90
N PRO A 157 -2.53 13.74 6.68
CA PRO A 157 -1.60 12.70 6.22
C PRO A 157 -0.14 13.10 6.40
N GLY A 158 0.70 12.09 6.62
CA GLY A 158 2.12 12.31 6.79
C GLY A 158 2.70 11.29 7.74
N PRO A 159 3.91 11.54 8.22
CA PRO A 159 4.59 10.55 9.07
C PRO A 159 4.19 10.64 10.53
N GLY A 160 4.33 9.51 11.21
CA GLY A 160 4.19 9.44 12.66
C GLY A 160 2.78 9.68 13.14
N ILE A 161 2.59 10.68 14.00
CA ILE A 161 1.25 11.00 14.47
C ILE A 161 0.36 11.46 13.31
N GLN A 162 0.95 11.95 12.22
CA GLN A 162 0.13 12.40 11.11
C GLN A 162 -0.63 11.22 10.53
N GLY A 163 -1.87 11.48 10.10
CA GLY A 163 -2.79 10.41 9.72
C GLY A 163 -3.53 9.72 10.86
N ASP A 164 -3.15 9.95 12.11
CA ASP A 164 -3.76 9.17 13.19
C ASP A 164 -5.10 9.78 13.61
N ALA A 165 -5.92 8.95 14.26
CA ALA A 165 -7.28 9.31 14.68
C ALA A 165 -7.50 8.87 16.11
N HIS A 166 -7.92 9.80 16.97
CA HIS A 166 -8.06 9.56 18.40
C HIS A 166 -9.49 9.83 18.83
N PHE A 167 -10.02 8.98 19.70
CA PHE A 167 -11.40 9.08 20.12
C PHE A 167 -11.46 9.21 21.64
N ASP A 168 -12.24 10.18 22.12
CA ASP A 168 -12.35 10.47 23.54
C ASP A 168 -13.15 9.36 24.21
N ASP A 169 -12.49 8.55 25.05
CA ASP A 169 -13.20 7.45 25.70
C ASP A 169 -13.95 7.90 26.96
N ASP A 170 -13.96 9.19 27.28
CA ASP A 170 -14.93 9.70 28.25
C ASP A 170 -16.31 9.87 27.62
N GLU A 171 -16.42 9.72 26.30
CA GLU A 171 -17.73 9.61 25.66
C GLU A 171 -18.27 8.19 25.80
N LEU A 172 -19.60 8.08 25.78
CA LEU A 172 -20.27 6.80 25.63
C LEU A 172 -20.37 6.53 24.14
N TRP A 173 -19.58 5.58 23.63
CA TRP A 173 -19.64 5.25 22.22
C TRP A 173 -20.76 4.24 21.95
N SER A 174 -21.56 4.53 20.93
CA SER A 174 -22.71 3.72 20.58
C SER A 174 -22.83 3.73 19.06
N LEU A 175 -23.93 3.20 18.56
CA LEU A 175 -24.23 3.27 17.13
C LEU A 175 -25.66 3.64 16.80
N GLY A 176 -26.65 3.19 17.58
CA GLY A 176 -28.04 3.51 17.28
C GLY A 176 -28.44 4.90 17.71
N LYS A 177 -29.69 5.24 17.43
CA LYS A 177 -30.25 6.43 18.03
C LYS A 177 -30.40 6.20 19.53
N GLY A 178 -30.17 7.24 20.32
CA GLY A 178 -30.23 7.10 21.76
C GLY A 178 -29.03 7.73 22.44
N GLN A 179 -28.66 7.18 23.58
CA GLN A 179 -27.55 7.73 24.37
C GLN A 179 -26.22 7.57 23.65
N GLY A 180 -25.30 8.48 23.93
CA GLY A 180 -23.95 8.38 23.41
C GLY A 180 -23.81 8.94 22.00
N TYR A 181 -22.68 8.61 21.40
CA TYR A 181 -22.28 9.15 20.11
C TYR A 181 -21.93 8.02 19.15
N SER A 182 -22.36 8.16 17.89
CA SER A 182 -22.09 7.14 16.88
C SER A 182 -20.60 7.08 16.60
N LEU A 183 -19.98 5.95 16.96
CA LEU A 183 -18.59 5.73 16.61
C LEU A 183 -18.40 5.70 15.11
N PHE A 184 -19.38 5.18 14.37
CA PHE A 184 -19.28 5.16 12.91
C PHE A 184 -19.24 6.57 12.33
N LEU A 185 -20.15 7.44 12.76
CA LEU A 185 -20.21 8.78 12.16
C LEU A 185 -18.99 9.61 12.56
N VAL A 186 -18.58 9.55 13.82
CA VAL A 186 -17.43 10.32 14.23
C VAL A 186 -16.17 9.82 13.53
N ALA A 187 -16.03 8.50 13.40
CA ALA A 187 -14.87 7.95 12.73
C ALA A 187 -14.83 8.37 11.26
N ALA A 188 -15.97 8.31 10.58
CA ALA A 188 -16.01 8.74 9.18
C ALA A 188 -15.54 10.19 9.05
N HIS A 189 -15.96 11.04 9.98
CA HIS A 189 -15.51 12.42 9.99
C HIS A 189 -14.00 12.51 10.23
N GLU A 190 -13.51 11.88 11.30
CA GLU A 190 -12.08 11.95 11.60
C GLU A 190 -11.22 11.37 10.50
N PHE A 191 -11.69 10.29 9.86
CA PHE A 191 -10.94 9.73 8.75
C PHE A 191 -10.81 10.71 7.60
N GLY A 192 -11.82 11.58 7.43
CA GLY A 192 -11.67 12.65 6.46
C GLY A 192 -10.45 13.51 6.73
N HIS A 193 -10.25 13.90 8.00
CA HIS A 193 -9.02 14.62 8.34
C HIS A 193 -7.79 13.77 8.04
N ALA A 194 -7.85 12.48 8.38
CA ALA A 194 -6.70 11.60 8.21
C ALA A 194 -6.36 11.41 6.74
N LEU A 195 -7.29 11.76 5.84
CA LEU A 195 -7.03 11.76 4.41
C LEU A 195 -6.67 13.14 3.86
N GLY A 196 -6.87 14.22 4.64
CA GLY A 196 -6.38 15.54 4.27
C GLY A 196 -7.41 16.65 4.17
N LEU A 197 -8.64 16.39 4.63
CA LEU A 197 -9.70 17.38 4.58
C LEU A 197 -9.69 18.29 5.80
N ASP A 198 -10.16 19.51 5.60
CA ASP A 198 -10.43 20.48 6.66
C ASP A 198 -11.93 20.45 6.97
N HIS A 199 -12.36 21.24 7.95
CA HIS A 199 -13.79 21.28 8.22
C HIS A 199 -14.52 22.01 7.11
N SER A 200 -15.75 21.56 6.89
CA SER A 200 -16.70 22.20 5.99
C SER A 200 -17.56 23.19 6.74
N SER A 201 -17.97 24.24 6.05
CA SER A 201 -18.95 25.19 6.59
CA SER A 201 -18.94 25.20 6.58
C SER A 201 -20.38 24.82 6.25
N VAL A 202 -20.60 23.73 5.51
CA VAL A 202 -21.95 23.29 5.17
C VAL A 202 -22.49 22.48 6.34
N PRO A 203 -23.55 22.94 7.02
CA PRO A 203 -23.99 22.25 8.24
C PRO A 203 -24.41 20.81 8.01
N GLU A 204 -24.79 20.44 6.80
CA GLU A 204 -25.21 19.06 6.57
C GLU A 204 -24.05 18.15 6.18
N ALA A 205 -22.90 18.71 5.83
CA ALA A 205 -21.79 17.90 5.36
C ALA A 205 -21.16 17.10 6.48
N LEU A 206 -20.65 15.91 6.13
CA LEU A 206 -19.94 15.08 7.11
C LEU A 206 -18.81 15.84 7.79
N MET A 207 -18.11 16.69 7.05
CA MET A 207 -16.94 17.36 7.59
C MET A 207 -17.29 18.65 8.34
N TYR A 208 -18.58 18.98 8.46
CA TYR A 208 -18.97 20.02 9.42
C TYR A 208 -18.50 19.59 10.80
N PRO A 209 -18.03 20.52 11.65
CA PRO A 209 -17.37 20.09 12.90
C PRO A 209 -18.32 19.64 13.98
N MET A 210 -19.58 20.05 13.95
CA MET A 210 -20.49 19.67 15.02
C MET A 210 -21.04 18.26 14.80
N TYR A 211 -21.24 17.54 15.90
CA TYR A 211 -21.87 16.24 15.85
C TYR A 211 -23.37 16.37 15.64
N ARG A 212 -23.88 15.67 14.62
CA ARG A 212 -25.32 15.48 14.48
C ARG A 212 -25.56 14.02 14.11
N PHE A 213 -26.49 13.38 14.82
CA PHE A 213 -26.79 11.99 14.50
C PHE A 213 -27.68 11.96 13.28
N THR A 214 -27.43 10.99 12.39
CA THR A 214 -28.26 10.80 11.22
C THR A 214 -28.22 9.33 10.85
N GLU A 215 -29.33 8.85 10.28
CA GLU A 215 -29.37 7.53 9.67
C GLU A 215 -29.25 7.60 8.15
N GLY A 216 -29.17 8.79 7.59
CA GLY A 216 -28.98 8.95 6.16
C GLY A 216 -27.53 8.75 5.78
N PRO A 217 -27.29 8.66 4.47
CA PRO A 217 -25.91 8.50 3.98
C PRO A 217 -25.04 9.64 4.46
N PRO A 218 -23.88 9.34 5.05
CA PRO A 218 -23.08 10.41 5.67
C PRO A 218 -22.44 11.38 4.68
N LEU A 219 -22.02 10.94 3.49
CA LEU A 219 -21.28 11.86 2.60
C LEU A 219 -22.22 12.82 1.90
N HIS A 220 -21.78 14.08 1.79
CA HIS A 220 -22.50 15.07 1.02
C HIS A 220 -21.62 15.58 -0.11
N LYS A 221 -22.22 16.38 -1.01
CA LYS A 221 -21.47 16.91 -2.14
C LYS A 221 -20.17 17.57 -1.70
N ASP A 222 -20.21 18.35 -0.60
CA ASP A 222 -19.02 19.11 -0.25
C ASP A 222 -17.88 18.18 0.17
N ASP A 223 -18.22 17.09 0.84
CA ASP A 223 -17.23 16.10 1.29
C ASP A 223 -16.60 15.41 0.10
N VAL A 224 -17.43 15.01 -0.84
CA VAL A 224 -16.91 14.33 -2.02
C VAL A 224 -16.09 15.28 -2.89
N ASN A 225 -16.56 16.53 -3.03
CA ASN A 225 -15.80 17.55 -3.77
C ASN A 225 -14.41 17.72 -3.17
N GLY A 226 -14.35 17.79 -1.84
CA GLY A 226 -13.08 17.99 -1.17
C GLY A 226 -12.13 16.82 -1.34
N ILE A 227 -12.66 15.59 -1.19
CA ILE A 227 -11.75 14.46 -1.26
C ILE A 227 -11.29 14.26 -2.70
N ARG A 228 -12.17 14.54 -3.66
CA ARG A 228 -11.81 14.41 -5.08
C ARG A 228 -10.74 15.41 -5.47
N HIS A 229 -10.81 16.61 -4.90
CA HIS A 229 -9.79 17.62 -5.19
C HIS A 229 -8.40 17.13 -4.83
N LEU A 230 -8.30 16.37 -3.74
CA LEU A 230 -7.02 15.83 -3.27
C LEU A 230 -6.56 14.62 -4.07
N TYR A 231 -7.47 13.69 -4.37
CA TYR A 231 -7.04 12.42 -4.93
C TYR A 231 -7.61 12.11 -6.31
N ARG B 5 -32.71 -27.15 -14.87
CA ARG B 5 -32.31 -26.89 -16.25
C ARG B 5 -33.28 -25.95 -16.94
N GLN B 6 -34.57 -26.26 -16.83
CA GLN B 6 -35.60 -25.39 -17.38
C GLN B 6 -35.55 -23.99 -16.76
N LEU B 7 -35.31 -23.92 -15.45
CA LEU B 7 -35.15 -22.63 -14.78
C LEU B 7 -33.90 -21.92 -15.29
N ALA B 8 -32.84 -22.68 -15.54
CA ALA B 8 -31.63 -22.12 -16.14
C ALA B 8 -31.91 -21.55 -17.52
N GLU B 9 -32.72 -22.23 -18.33
CA GLU B 9 -32.97 -21.79 -19.69
C GLU B 9 -33.78 -20.50 -19.72
N GLU B 10 -34.70 -20.33 -18.76
CA GLU B 10 -35.47 -19.09 -18.69
C GLU B 10 -34.63 -17.94 -18.13
N TYR B 11 -33.74 -18.24 -17.18
CA TYR B 11 -32.87 -17.21 -16.62
C TYR B 11 -31.92 -16.67 -17.67
N LEU B 12 -31.43 -17.53 -18.55
CA LEU B 12 -30.56 -17.08 -19.63
C LEU B 12 -31.33 -16.26 -20.66
N TYR B 13 -32.58 -16.60 -20.90
CA TYR B 13 -33.35 -15.83 -21.88
C TYR B 13 -33.75 -14.47 -21.32
N ARG B 14 -34.25 -14.47 -20.08
CA ARG B 14 -34.76 -13.23 -19.49
C ARG B 14 -33.68 -12.16 -19.39
N TYR B 15 -32.47 -12.55 -19.03
CA TYR B 15 -31.47 -11.52 -18.74
C TYR B 15 -30.52 -11.28 -19.90
N GLY B 16 -30.83 -11.81 -21.10
CA GLY B 16 -30.18 -11.42 -22.32
C GLY B 16 -29.06 -12.32 -22.82
N TYR B 17 -28.76 -13.41 -22.11
CA TYR B 17 -27.62 -14.25 -22.48
C TYR B 17 -27.93 -15.11 -23.69
N THR B 18 -29.17 -15.60 -23.81
CA THR B 18 -29.52 -16.43 -24.97
C THR B 18 -29.43 -15.63 -26.27
N ARG B 19 -29.89 -14.37 -26.26
CA ARG B 19 -29.94 -13.57 -27.48
C ARG B 19 -28.54 -13.19 -27.96
N VAL B 20 -27.62 -12.94 -27.03
CA VAL B 20 -26.26 -12.57 -27.42
C VAL B 20 -25.54 -13.77 -28.02
N ALA B 21 -25.63 -14.91 -27.35
CA ALA B 21 -25.00 -16.14 -27.80
C ALA B 21 -25.63 -16.66 -29.09
N GLY B 31 -24.21 -23.86 -22.81
CA GLY B 31 -22.76 -23.80 -22.78
C GLY B 31 -22.21 -22.41 -23.00
N PRO B 32 -22.35 -21.88 -24.22
CA PRO B 32 -21.88 -20.51 -24.47
C PRO B 32 -22.61 -19.48 -23.63
N ALA B 33 -23.94 -19.58 -23.54
CA ALA B 33 -24.72 -18.65 -22.75
C ALA B 33 -24.33 -18.71 -21.28
N LEU B 34 -24.09 -19.90 -20.75
CA LEU B 34 -23.63 -20.03 -19.37
C LEU B 34 -22.28 -19.35 -19.17
N LEU B 35 -21.39 -19.46 -20.17
CA LEU B 35 -20.08 -18.80 -20.08
C LEU B 35 -20.26 -17.28 -19.97
N LEU B 36 -21.14 -16.72 -20.80
CA LEU B 36 -21.39 -15.28 -20.74
C LEU B 36 -21.95 -14.87 -19.39
N LEU B 37 -22.84 -15.70 -18.81
CA LEU B 37 -23.40 -15.39 -17.51
C LEU B 37 -22.34 -15.49 -16.42
N GLN B 38 -21.55 -16.57 -16.44
CA GLN B 38 -20.48 -16.72 -15.46
C GLN B 38 -19.55 -15.51 -15.48
N LYS B 39 -19.26 -15.02 -16.69
CA LYS B 39 -18.42 -13.84 -16.82
C LYS B 39 -19.11 -12.60 -16.25
N GLN B 40 -20.34 -12.34 -16.70
CA GLN B 40 -21.04 -11.13 -16.28
C GLN B 40 -21.29 -11.10 -14.78
N LEU B 41 -21.49 -12.27 -14.15
CA LEU B 41 -21.74 -12.36 -12.72
C LEU B 41 -20.50 -12.71 -11.91
N SER B 42 -19.34 -12.89 -12.56
CA SER B 42 -18.08 -13.20 -11.86
C SER B 42 -18.16 -14.51 -11.09
N LEU B 43 -18.73 -15.50 -11.72
CA LEU B 43 -18.75 -16.90 -11.31
C LEU B 43 -17.64 -17.65 -12.02
N PRO B 44 -17.23 -18.81 -11.48
CA PRO B 44 -16.27 -19.66 -12.21
C PRO B 44 -16.75 -19.98 -13.62
N GLU B 45 -15.95 -19.56 -14.61
CA GLU B 45 -16.30 -19.70 -16.02
C GLU B 45 -16.06 -21.15 -16.40
N THR B 46 -17.06 -21.98 -16.12
CA THR B 46 -16.99 -23.39 -16.42
C THR B 46 -17.81 -23.79 -17.64
N GLY B 47 -18.74 -22.93 -18.08
CA GLY B 47 -19.65 -23.29 -19.13
C GLY B 47 -20.69 -24.32 -18.74
N GLU B 48 -20.70 -24.75 -17.48
CA GLU B 48 -21.59 -25.80 -17.00
C GLU B 48 -22.56 -25.23 -15.98
N LEU B 49 -23.71 -25.90 -15.85
CA LEU B 49 -24.73 -25.56 -14.85
C LEU B 49 -24.35 -26.15 -13.49
N ASP B 50 -23.25 -25.64 -12.94
CA ASP B 50 -22.71 -26.14 -11.69
C ASP B 50 -23.54 -25.71 -10.48
N THR B 53 -23.48 -21.86 -10.33
CA THR B 53 -24.38 -21.18 -11.28
C THR B 53 -25.82 -21.34 -10.84
N LEU B 54 -26.18 -22.54 -10.37
CA LEU B 54 -27.56 -22.78 -9.96
C LEU B 54 -27.93 -21.90 -8.76
N LYS B 55 -27.02 -21.81 -7.78
CA LYS B 55 -27.26 -20.94 -6.64
C LYS B 55 -27.43 -19.49 -7.09
N ALA B 56 -26.50 -19.00 -7.91
CA ALA B 56 -26.60 -17.65 -8.47
C ALA B 56 -27.97 -17.43 -9.12
N MET B 57 -28.41 -18.38 -9.94
CA MET B 57 -29.71 -18.26 -10.59
C MET B 57 -30.86 -18.36 -9.60
N ARG B 58 -30.62 -18.92 -8.41
CA ARG B 58 -31.64 -18.99 -7.37
C ARG B 58 -31.76 -17.71 -6.56
N THR B 59 -30.80 -16.80 -6.71
CA THR B 59 -30.74 -15.61 -5.85
C THR B 59 -31.68 -14.51 -6.34
N PRO B 60 -32.49 -13.92 -5.47
CA PRO B 60 -33.32 -12.78 -5.89
C PRO B 60 -32.44 -11.69 -6.49
N ARG B 61 -32.98 -10.96 -7.46
CA ARG B 61 -32.15 -10.02 -8.19
C ARG B 61 -32.99 -8.97 -8.90
N CYS B 62 -32.28 -8.02 -9.51
CA CYS B 62 -32.89 -6.97 -10.31
C CYS B 62 -33.44 -7.52 -11.63
N GLY B 63 -34.61 -7.01 -12.03
CA GLY B 63 -35.28 -7.43 -13.26
C GLY B 63 -34.67 -6.87 -14.54
N VAL B 64 -33.71 -5.95 -14.47
CA VAL B 64 -33.16 -5.35 -15.69
C VAL B 64 -32.23 -6.33 -16.37
N PRO B 65 -32.27 -6.45 -17.69
CA PRO B 65 -31.39 -7.40 -18.36
C PRO B 65 -29.92 -7.08 -18.14
N ASP B 66 -29.10 -8.13 -18.16
CA ASP B 66 -27.67 -8.00 -17.88
C ASP B 66 -26.91 -7.65 -19.17
N LEU B 67 -27.21 -8.36 -20.25
CA LEU B 67 -26.69 -8.03 -21.56
C LEU B 67 -27.87 -7.60 -22.43
N GLY B 68 -27.66 -6.57 -23.24
CA GLY B 68 -28.76 -6.03 -24.01
C GLY B 68 -29.62 -5.08 -23.20
N ARG B 69 -30.85 -4.88 -23.67
CA ARG B 69 -31.79 -3.96 -23.04
C ARG B 69 -33.21 -4.52 -23.12
N PHE B 70 -34.11 -3.98 -22.27
CA PHE B 70 -35.53 -4.32 -22.37
C PHE B 70 -36.03 -4.16 -23.79
N GLN B 71 -35.61 -3.08 -24.45
CA GLN B 71 -36.16 -2.61 -25.71
C GLN B 71 -35.19 -1.55 -26.22
N THR B 72 -35.47 -1.04 -27.42
CA THR B 72 -34.73 0.09 -27.95
C THR B 72 -35.26 1.37 -27.31
N PHE B 73 -34.36 2.16 -26.75
CA PHE B 73 -34.71 3.38 -26.03
C PHE B 73 -34.24 4.60 -26.82
N GLU B 74 -34.84 5.75 -26.50
CA GLU B 74 -34.54 7.00 -27.18
C GLU B 74 -33.41 7.76 -26.49
N GLY B 75 -32.51 8.34 -27.30
CA GLY B 75 -31.47 9.22 -26.80
C GLY B 75 -30.19 8.48 -26.44
N ASP B 76 -29.22 9.23 -25.92
CA ASP B 76 -27.94 8.66 -25.54
C ASP B 76 -27.95 8.07 -24.14
N LEU B 77 -29.10 8.03 -23.47
CA LEU B 77 -29.30 7.33 -22.20
C LEU B 77 -28.55 8.01 -21.05
N LYS B 78 -28.43 9.33 -21.12
CA LYS B 78 -27.89 10.15 -20.05
C LYS B 78 -28.74 11.40 -19.92
N TRP B 79 -28.91 11.88 -18.69
CA TRP B 79 -29.63 13.13 -18.46
C TRP B 79 -28.80 14.33 -18.93
N HIS B 80 -29.45 15.24 -19.62
CA HIS B 80 -28.79 16.46 -20.07
C HIS B 80 -29.31 17.69 -19.32
N HIS B 81 -29.95 17.48 -18.18
CA HIS B 81 -30.15 18.52 -17.20
C HIS B 81 -29.77 17.93 -15.85
N HIS B 82 -29.41 18.80 -14.92
CA HIS B 82 -28.94 18.33 -13.62
C HIS B 82 -29.99 18.45 -12.53
N ASN B 83 -31.14 19.06 -12.82
CA ASN B 83 -32.21 19.19 -11.84
C ASN B 83 -33.21 18.06 -12.07
N ILE B 84 -32.91 16.90 -11.49
CA ILE B 84 -33.71 15.69 -11.74
C ILE B 84 -34.91 15.69 -10.80
N THR B 85 -36.08 15.30 -11.32
CA THR B 85 -37.30 15.26 -10.54
C THR B 85 -37.81 13.83 -10.45
N TYR B 86 -38.50 13.53 -9.34
CA TYR B 86 -39.08 12.21 -9.14
C TYR B 86 -40.46 12.32 -8.52
N TRP B 87 -41.32 11.37 -8.87
CA TRP B 87 -42.70 11.34 -8.40
C TRP B 87 -42.97 9.98 -7.79
N ILE B 88 -43.31 9.96 -6.51
CA ILE B 88 -43.72 8.73 -5.86
C ILE B 88 -45.20 8.58 -6.18
N GLN B 89 -45.51 7.79 -7.22
CA GLN B 89 -46.85 7.76 -7.77
C GLN B 89 -47.81 7.00 -6.86
N ASN B 90 -47.33 5.97 -6.18
CA ASN B 90 -48.15 5.21 -5.24
C ASN B 90 -47.21 4.58 -4.23
N TYR B 91 -47.81 3.86 -3.27
CA TYR B 91 -47.12 3.39 -2.09
C TYR B 91 -47.48 1.94 -1.81
N SER B 92 -46.47 1.16 -1.42
CA SER B 92 -46.70 -0.12 -0.79
C SER B 92 -47.28 0.10 0.61
N GLU B 93 -48.08 -0.86 1.07
CA GLU B 93 -48.61 -0.80 2.43
C GLU B 93 -47.66 -1.38 3.46
N ASP B 94 -46.52 -1.93 3.02
CA ASP B 94 -45.60 -2.54 3.95
C ASP B 94 -44.94 -1.54 4.87
N LEU B 95 -44.90 -0.27 4.47
CA LEU B 95 -44.21 0.74 5.25
C LEU B 95 -45.06 2.00 5.26
N PRO B 96 -45.01 2.77 6.35
CA PRO B 96 -45.65 4.09 6.33
C PRO B 96 -45.10 4.93 5.19
N ARG B 97 -45.97 5.81 4.67
CA ARG B 97 -45.56 6.64 3.53
C ARG B 97 -44.33 7.46 3.87
N ALA B 98 -44.23 7.96 5.11
CA ALA B 98 -43.07 8.78 5.48
C ALA B 98 -41.79 7.97 5.42
N VAL B 99 -41.89 6.68 5.75
CA VAL B 99 -40.72 5.82 5.72
C VAL B 99 -40.32 5.53 4.27
N ILE B 100 -41.30 5.28 3.40
CA ILE B 100 -41.04 5.12 1.96
C ILE B 100 -40.47 6.41 1.39
N ASP B 101 -41.06 7.55 1.73
CA ASP B 101 -40.50 8.84 1.29
C ASP B 101 -39.03 8.94 1.63
N ASP B 102 -38.69 8.63 2.88
CA ASP B 102 -37.32 8.80 3.34
C ASP B 102 -36.40 7.74 2.73
N ALA B 103 -36.90 6.52 2.52
CA ALA B 103 -36.08 5.52 1.88
C ALA B 103 -35.65 5.98 0.49
N PHE B 104 -36.61 6.45 -0.31
CA PHE B 104 -36.28 6.99 -1.62
C PHE B 104 -35.39 8.23 -1.50
N ALA B 105 -35.69 9.12 -0.55
CA ALA B 105 -34.84 10.30 -0.40
C ALA B 105 -33.39 9.90 -0.09
N ARG B 106 -33.20 8.92 0.79
CA ARG B 106 -31.83 8.51 1.14
C ARG B 106 -31.13 7.87 -0.05
N ALA B 107 -31.86 7.07 -0.83
CA ALA B 107 -31.27 6.47 -2.03
C ALA B 107 -30.84 7.53 -3.02
N PHE B 108 -31.66 8.57 -3.23
CA PHE B 108 -31.22 9.65 -4.09
C PHE B 108 -30.02 10.39 -3.50
N ALA B 109 -29.97 10.53 -2.16
CA ALA B 109 -28.86 11.26 -1.53
C ALA B 109 -27.52 10.60 -1.80
N LEU B 110 -27.51 9.27 -1.92
CA LEU B 110 -26.29 8.55 -2.28
C LEU B 110 -25.75 9.03 -3.61
N TRP B 111 -26.63 9.14 -4.62
CA TRP B 111 -26.20 9.56 -5.94
C TRP B 111 -25.93 11.05 -5.99
N SER B 112 -26.70 11.84 -5.24
CA SER B 112 -26.50 13.28 -5.26
C SER B 112 -25.10 13.66 -4.80
N ALA B 113 -24.57 12.95 -3.80
CA ALA B 113 -23.27 13.35 -3.26
C ALA B 113 -22.13 13.14 -4.25
N VAL B 114 -22.29 12.22 -5.21
CA VAL B 114 -21.19 11.82 -6.10
C VAL B 114 -21.40 12.31 -7.53
N THR B 115 -22.42 13.12 -7.78
CA THR B 115 -22.71 13.66 -9.10
C THR B 115 -22.98 15.14 -9.00
N PRO B 116 -23.03 15.84 -10.14
CA PRO B 116 -23.58 17.20 -10.17
C PRO B 116 -25.10 17.28 -10.09
N LEU B 117 -25.79 16.18 -9.80
CA LEU B 117 -27.22 16.14 -9.90
C LEU B 117 -27.87 16.50 -8.56
N THR B 118 -29.05 17.12 -8.63
CA THR B 118 -29.92 17.29 -7.47
C THR B 118 -31.24 16.57 -7.77
N PHE B 119 -31.94 16.18 -6.72
CA PHE B 119 -33.16 15.40 -6.87
C PHE B 119 -34.27 16.11 -6.12
N THR B 120 -35.35 16.41 -6.82
CA THR B 120 -36.47 17.17 -6.27
C THR B 120 -37.73 16.33 -6.41
N ARG B 121 -38.46 16.16 -5.30
CA ARG B 121 -39.72 15.43 -5.32
C ARG B 121 -40.82 16.30 -5.91
N VAL B 122 -41.58 15.74 -6.86
CA VAL B 122 -42.72 16.42 -7.49
C VAL B 122 -43.90 15.46 -7.48
N TYR B 123 -45.04 15.90 -8.04
CA TYR B 123 -46.28 15.17 -7.79
C TYR B 123 -47.07 14.93 -9.08
N SER B 124 -46.38 14.75 -10.21
CA SER B 124 -47.09 14.53 -11.47
C SER B 124 -46.18 13.88 -12.48
N ARG B 125 -46.80 13.49 -13.60
CA ARG B 125 -46.12 12.80 -14.70
C ARG B 125 -44.98 13.62 -15.29
N ASP B 126 -44.89 14.91 -14.96
CA ASP B 126 -43.80 15.74 -15.45
C ASP B 126 -42.45 15.31 -14.88
N ALA B 127 -42.44 14.47 -13.85
CA ALA B 127 -41.19 14.02 -13.24
C ALA B 127 -40.34 13.24 -14.23
N ASP B 128 -39.01 13.38 -14.08
CA ASP B 128 -38.09 12.52 -14.82
C ASP B 128 -38.25 11.07 -14.40
N ILE B 129 -38.28 10.83 -13.09
CA ILE B 129 -38.26 9.48 -12.55
C ILE B 129 -39.62 9.28 -11.91
N VAL B 130 -40.51 8.57 -12.58
CA VAL B 130 -41.77 8.17 -11.96
C VAL B 130 -41.56 6.85 -11.24
N ILE B 131 -41.93 6.80 -9.97
CA ILE B 131 -41.71 5.64 -9.09
C ILE B 131 -43.06 4.96 -8.88
N GLN B 132 -43.10 3.65 -9.07
CA GLN B 132 -44.37 2.92 -9.02
C GLN B 132 -44.16 1.60 -8.29
N PHE B 133 -45.16 1.20 -7.51
CA PHE B 133 -45.20 -0.12 -6.93
C PHE B 133 -46.23 -0.92 -7.72
N GLY B 134 -45.87 -2.14 -8.08
CA GLY B 134 -46.69 -2.91 -9.02
C GLY B 134 -46.58 -4.39 -8.73
N VAL B 135 -47.62 -5.11 -9.13
CA VAL B 135 -47.67 -6.57 -8.97
C VAL B 135 -47.87 -7.17 -10.36
N ALA B 136 -47.17 -8.28 -10.63
CA ALA B 136 -47.34 -9.05 -11.88
C ALA B 136 -47.32 -8.08 -13.06
N GLU B 137 -48.26 -8.16 -14.00
CA GLU B 137 -48.30 -7.20 -15.09
C GLU B 137 -48.81 -5.87 -14.53
N HIS B 138 -48.02 -4.80 -14.71
CA HIS B 138 -48.34 -3.54 -14.04
C HIS B 138 -48.34 -2.34 -14.96
N GLY B 139 -48.43 -2.54 -16.28
CA GLY B 139 -48.71 -1.45 -17.19
C GLY B 139 -47.61 -1.16 -18.19
N ASP B 140 -46.43 -1.75 -18.01
CA ASP B 140 -45.37 -1.75 -19.00
C ASP B 140 -45.27 -3.16 -19.58
N GLY B 141 -44.26 -3.41 -20.39
CA GLY B 141 -44.25 -4.71 -21.03
C GLY B 141 -43.66 -5.86 -20.22
N TYR B 142 -43.35 -5.62 -18.95
CA TYR B 142 -42.36 -6.42 -18.21
C TYR B 142 -42.89 -6.80 -16.84
N PRO B 143 -43.69 -7.86 -16.75
CA PRO B 143 -44.36 -8.17 -15.48
C PRO B 143 -43.41 -8.71 -14.41
N PHE B 144 -43.73 -8.38 -13.16
CA PHE B 144 -43.08 -8.97 -12.00
C PHE B 144 -43.59 -10.40 -11.80
N ASP B 145 -43.07 -11.08 -10.77
CA ASP B 145 -43.16 -12.53 -10.74
C ASP B 145 -43.59 -13.09 -9.38
N GLY B 146 -44.27 -12.32 -8.55
CA GLY B 146 -44.61 -12.80 -7.22
C GLY B 146 -43.44 -12.65 -6.26
N LYS B 147 -43.60 -13.26 -5.08
CA LYS B 147 -42.60 -13.17 -4.03
C LYS B 147 -41.22 -13.60 -4.52
N ASP B 148 -40.19 -12.86 -4.09
CA ASP B 148 -38.80 -13.16 -4.41
C ASP B 148 -38.57 -13.20 -5.94
N GLY B 149 -37.50 -13.83 -6.39
CA GLY B 149 -37.22 -13.77 -7.82
C GLY B 149 -36.73 -12.39 -8.21
N LEU B 150 -37.30 -11.80 -9.26
CA LEU B 150 -36.93 -10.42 -9.56
C LEU B 150 -37.67 -9.46 -8.63
N LEU B 151 -36.96 -8.41 -8.19
CA LEU B 151 -37.48 -7.53 -7.14
C LEU B 151 -37.96 -6.18 -7.66
N ALA B 152 -37.51 -5.75 -8.83
CA ALA B 152 -37.71 -4.38 -9.26
C ALA B 152 -37.03 -4.21 -10.61
N HIS B 153 -37.39 -3.12 -11.29
CA HIS B 153 -36.59 -2.75 -12.47
C HIS B 153 -36.74 -1.26 -12.73
N ALA B 154 -35.95 -0.77 -13.69
CA ALA B 154 -35.89 0.65 -14.00
C ALA B 154 -35.39 0.80 -15.43
N PHE B 155 -35.52 2.01 -15.95
CA PHE B 155 -35.29 2.30 -17.36
C PHE B 155 -34.31 3.46 -17.49
N PRO B 156 -33.49 3.46 -18.53
CA PRO B 156 -32.40 4.44 -18.64
C PRO B 156 -32.92 5.83 -18.93
N PRO B 157 -32.10 6.87 -18.70
CA PRO B 157 -32.58 8.24 -18.89
C PRO B 157 -33.17 8.47 -20.27
N GLY B 158 -34.17 9.33 -20.33
CA GLY B 158 -34.88 9.58 -21.57
C GLY B 158 -36.29 10.00 -21.27
N PRO B 159 -37.13 10.08 -22.31
CA PRO B 159 -38.51 10.54 -22.14
C PRO B 159 -39.46 9.41 -21.78
N GLY B 160 -40.58 9.80 -21.19
CA GLY B 160 -41.66 8.85 -20.91
C GLY B 160 -41.28 7.84 -19.85
N ILE B 161 -41.48 6.57 -20.18
CA ILE B 161 -41.15 5.49 -19.25
C ILE B 161 -39.67 5.49 -18.94
N GLN B 162 -38.86 6.11 -19.78
CA GLN B 162 -37.43 6.16 -19.52
C GLN B 162 -37.15 6.98 -18.26
N GLY B 163 -36.21 6.49 -17.44
CA GLY B 163 -35.93 7.09 -16.16
C GLY B 163 -36.76 6.54 -15.02
N ASP B 164 -37.82 5.78 -15.30
CA ASP B 164 -38.74 5.38 -14.25
C ASP B 164 -38.23 4.14 -13.53
N ALA B 165 -38.78 3.93 -12.32
CA ALA B 165 -38.35 2.86 -11.44
C ALA B 165 -39.59 2.19 -10.87
N HIS B 166 -39.65 0.86 -10.97
CA HIS B 166 -40.80 0.07 -10.53
C HIS B 166 -40.35 -1.00 -9.57
N PHE B 167 -41.14 -1.19 -8.52
CA PHE B 167 -40.82 -2.08 -7.41
C PHE B 167 -41.92 -3.12 -7.28
N ASP B 168 -41.53 -4.39 -7.14
CA ASP B 168 -42.48 -5.50 -7.07
C ASP B 168 -43.17 -5.48 -5.71
N ASP B 169 -44.46 -5.15 -5.69
CA ASP B 169 -45.11 -5.08 -4.40
C ASP B 169 -45.58 -6.44 -3.89
N ASP B 170 -45.35 -7.52 -4.64
CA ASP B 170 -45.49 -8.84 -4.01
C ASP B 170 -44.33 -9.14 -3.08
N GLU B 171 -43.30 -8.28 -3.05
CA GLU B 171 -42.28 -8.41 -2.02
C GLU B 171 -42.72 -7.75 -0.72
N LEU B 172 -42.16 -8.25 0.38
CA LEU B 172 -42.28 -7.57 1.65
C LEU B 172 -41.19 -6.52 1.69
N TRP B 173 -41.58 -5.25 1.64
CA TRP B 173 -40.59 -4.17 1.66
C TRP B 173 -40.30 -3.76 3.09
N SER B 174 -39.00 -3.71 3.43
CA SER B 174 -38.56 -3.40 4.79
C SER B 174 -37.36 -2.44 4.84
N GLY B 180 -37.92 -9.49 4.67
CA GLY B 180 -38.18 -8.88 3.38
C GLY B 180 -36.95 -8.31 2.70
N TYR B 181 -37.15 -7.25 1.92
CA TYR B 181 -36.09 -6.65 1.13
C TYR B 181 -35.99 -5.18 1.48
N SER B 182 -34.76 -4.66 1.54
CA SER B 182 -34.56 -3.25 1.86
C SER B 182 -35.02 -2.38 0.69
N LEU B 183 -36.09 -1.61 0.89
CA LEU B 183 -36.50 -0.67 -0.13
C LEU B 183 -35.37 0.30 -0.45
N PHE B 184 -34.61 0.71 0.57
CA PHE B 184 -33.51 1.65 0.38
C PHE B 184 -32.44 1.09 -0.54
N LEU B 185 -31.98 -0.14 -0.26
CA LEU B 185 -30.94 -0.74 -1.10
C LEU B 185 -31.42 -0.98 -2.52
N VAL B 186 -32.63 -1.52 -2.69
CA VAL B 186 -33.13 -1.78 -4.04
C VAL B 186 -33.37 -0.47 -4.80
N ALA B 187 -33.90 0.54 -4.11
CA ALA B 187 -34.10 1.80 -4.80
C ALA B 187 -32.77 2.42 -5.22
N ALA B 188 -31.76 2.32 -4.35
CA ALA B 188 -30.45 2.88 -4.68
C ALA B 188 -29.93 2.24 -5.96
N HIS B 189 -30.13 0.94 -6.07
CA HIS B 189 -29.72 0.23 -7.29
C HIS B 189 -30.54 0.69 -8.49
N GLU B 190 -31.87 0.67 -8.37
CA GLU B 190 -32.69 1.03 -9.52
C GLU B 190 -32.45 2.47 -9.96
N PHE B 191 -32.23 3.38 -9.00
CA PHE B 191 -31.96 4.76 -9.39
C PHE B 191 -30.64 4.84 -10.16
N GLY B 192 -29.70 3.94 -9.89
CA GLY B 192 -28.52 3.86 -10.72
C GLY B 192 -28.88 3.67 -12.19
N HIS B 193 -29.78 2.72 -12.47
CA HIS B 193 -30.27 2.59 -13.84
C HIS B 193 -30.93 3.87 -14.31
N ALA B 194 -31.74 4.48 -13.44
CA ALA B 194 -32.48 5.65 -13.88
C ALA B 194 -31.56 6.82 -14.18
N LEU B 195 -30.30 6.75 -13.77
CA LEU B 195 -29.32 7.78 -14.10
C LEU B 195 -28.40 7.39 -15.25
N GLY B 196 -28.51 6.15 -15.73
CA GLY B 196 -27.73 5.73 -16.87
C GLY B 196 -26.74 4.58 -16.67
N LEU B 197 -26.77 3.91 -15.52
CA LEU B 197 -25.80 2.85 -15.26
C LEU B 197 -26.36 1.49 -15.69
N ASP B 198 -25.46 0.57 -15.98
CA ASP B 198 -25.77 -0.84 -16.19
C ASP B 198 -25.31 -1.65 -14.99
N HIS B 199 -25.50 -2.97 -15.07
CA HIS B 199 -25.06 -3.83 -13.98
C HIS B 199 -23.54 -3.92 -13.92
N SER B 200 -23.05 -3.98 -12.69
CA SER B 200 -21.65 -4.26 -12.41
C SER B 200 -21.40 -5.76 -12.37
N SER B 201 -20.21 -6.16 -12.80
CA SER B 201 -19.81 -7.55 -12.61
C SER B 201 -19.13 -7.79 -11.27
N VAL B 202 -18.91 -6.73 -10.49
CA VAL B 202 -18.27 -6.82 -9.18
C VAL B 202 -19.33 -7.24 -8.17
N PRO B 203 -19.18 -8.39 -7.51
CA PRO B 203 -20.26 -8.89 -6.64
C PRO B 203 -20.63 -7.97 -5.49
N GLU B 204 -19.69 -7.18 -4.97
CA GLU B 204 -19.95 -6.33 -3.83
C GLU B 204 -20.56 -4.99 -4.23
N ALA B 205 -20.55 -4.65 -5.52
CA ALA B 205 -20.99 -3.32 -5.93
C ALA B 205 -22.51 -3.19 -5.87
N LEU B 206 -22.97 -1.96 -5.63
CA LEU B 206 -24.41 -1.69 -5.58
C LEU B 206 -25.10 -2.13 -6.86
N MET B 207 -24.46 -1.90 -8.01
CA MET B 207 -25.06 -2.22 -9.29
C MET B 207 -24.87 -3.69 -9.71
N TYR B 208 -24.26 -4.53 -8.89
CA TYR B 208 -24.37 -5.97 -9.12
C TYR B 208 -25.85 -6.36 -9.09
N PRO B 209 -26.32 -7.24 -9.98
CA PRO B 209 -27.77 -7.43 -10.09
C PRO B 209 -28.39 -8.22 -8.95
N MET B 210 -27.62 -9.04 -8.22
CA MET B 210 -28.21 -9.83 -7.15
C MET B 210 -28.45 -8.98 -5.92
N TYR B 211 -29.51 -9.33 -5.18
CA TYR B 211 -29.78 -8.66 -3.91
C TYR B 211 -28.90 -9.26 -2.82
N ARG B 212 -28.24 -8.39 -2.07
CA ARG B 212 -27.50 -8.80 -0.88
C ARG B 212 -27.74 -7.74 0.18
N PHE B 213 -28.32 -8.14 1.30
CA PHE B 213 -28.48 -7.17 2.37
C PHE B 213 -27.12 -6.81 2.94
N THR B 214 -26.87 -5.52 3.11
CA THR B 214 -25.71 -5.04 3.82
C THR B 214 -26.15 -3.88 4.70
N GLU B 215 -25.49 -3.75 5.86
CA GLU B 215 -25.58 -2.55 6.66
C GLU B 215 -24.48 -1.56 6.34
N GLY B 216 -23.50 -1.96 5.52
CA GLY B 216 -22.41 -1.09 5.14
C GLY B 216 -22.84 -0.10 4.08
N PRO B 217 -21.97 0.89 3.84
CA PRO B 217 -22.26 1.90 2.82
C PRO B 217 -22.52 1.26 1.48
N PRO B 218 -23.62 1.60 0.81
CA PRO B 218 -23.99 0.85 -0.41
C PRO B 218 -23.06 1.08 -1.59
N LEU B 219 -22.52 2.28 -1.79
CA LEU B 219 -21.75 2.53 -3.00
C LEU B 219 -20.37 1.91 -2.89
N HIS B 220 -19.88 1.36 -4.01
CA HIS B 220 -18.54 0.85 -4.10
C HIS B 220 -17.81 1.57 -5.23
N LYS B 221 -16.49 1.34 -5.31
CA LYS B 221 -15.68 2.02 -6.32
C LYS B 221 -16.28 1.89 -7.71
N ASP B 222 -16.74 0.68 -8.08
CA ASP B 222 -17.22 0.51 -9.44
C ASP B 222 -18.46 1.36 -9.72
N ASP B 223 -19.35 1.51 -8.71
CA ASP B 223 -20.54 2.34 -8.87
C ASP B 223 -20.17 3.80 -9.10
N VAL B 224 -19.24 4.31 -8.27
CA VAL B 224 -18.85 5.71 -8.37
C VAL B 224 -18.07 5.96 -9.67
N ASN B 225 -17.22 5.01 -10.05
CA ASN B 225 -16.51 5.10 -11.33
C ASN B 225 -17.50 5.24 -12.48
N GLY B 226 -18.52 4.38 -12.49
CA GLY B 226 -19.50 4.42 -13.56
C GLY B 226 -20.26 5.73 -13.61
N ILE B 227 -20.68 6.23 -12.44
CA ILE B 227 -21.50 7.43 -12.49
C ILE B 227 -20.64 8.65 -12.82
N ARG B 228 -19.38 8.67 -12.39
CA ARG B 228 -18.49 9.77 -12.77
C ARG B 228 -18.22 9.77 -14.25
N HIS B 229 -18.10 8.58 -14.83
CA HIS B 229 -17.87 8.49 -16.27
C HIS B 229 -18.97 9.19 -17.04
N LEU B 230 -20.21 9.11 -16.55
CA LEU B 230 -21.34 9.75 -17.22
C LEU B 230 -21.40 11.25 -16.94
N TYR B 231 -21.25 11.64 -15.67
CA TYR B 231 -21.56 13.02 -15.29
C TYR B 231 -20.37 13.82 -14.79
N THR C 3 6.72 -39.52 -19.34
CA THR C 3 8.00 -40.22 -19.40
C THR C 3 9.18 -39.26 -19.33
N ASP C 4 10.36 -39.80 -19.02
CA ASP C 4 11.58 -38.99 -19.01
C ASP C 4 11.84 -38.33 -20.37
N ARG C 5 11.66 -39.08 -21.47
CA ARG C 5 11.85 -38.49 -22.78
C ARG C 5 10.83 -37.39 -23.06
N GLN C 6 9.59 -37.57 -22.60
CA GLN C 6 8.58 -36.54 -22.77
C GLN C 6 8.95 -35.29 -21.96
N LEU C 7 9.40 -35.48 -20.73
CA LEU C 7 9.85 -34.36 -19.93
C LEU C 7 11.00 -33.63 -20.61
N ALA C 8 11.98 -34.40 -21.09
CA ALA C 8 13.14 -33.80 -21.77
C ALA C 8 12.73 -33.05 -23.02
N GLU C 9 11.83 -33.63 -23.83
CA GLU C 9 11.35 -32.93 -25.03
C GLU C 9 10.71 -31.59 -24.68
N GLU C 10 9.83 -31.58 -23.70
CA GLU C 10 9.12 -30.34 -23.38
C GLU C 10 10.08 -29.30 -22.80
N TYR C 11 11.01 -29.74 -21.95
CA TYR C 11 11.95 -28.81 -21.34
C TYR C 11 12.92 -28.27 -22.38
N LEU C 12 13.47 -29.14 -23.22
CA LEU C 12 14.37 -28.69 -24.27
C LEU C 12 13.66 -27.78 -25.26
N TYR C 13 12.37 -28.00 -25.52
CA TYR C 13 11.70 -27.13 -26.47
C TYR C 13 11.33 -25.80 -25.84
N ARG C 14 10.78 -25.84 -24.62
CA ARG C 14 10.27 -24.63 -23.99
C ARG C 14 11.37 -23.59 -23.79
N TYR C 15 12.56 -24.04 -23.41
CA TYR C 15 13.61 -23.12 -22.96
C TYR C 15 14.61 -22.82 -24.06
N GLY C 16 14.34 -23.25 -25.30
CA GLY C 16 15.08 -22.80 -26.46
C GLY C 16 16.18 -23.71 -26.96
N TYR C 17 16.41 -24.85 -26.30
CA TYR C 17 17.57 -25.66 -26.65
C TYR C 17 17.37 -26.40 -27.96
N THR C 18 16.17 -26.96 -28.16
CA THR C 18 15.89 -27.71 -29.38
C THR C 18 16.02 -26.84 -30.63
N ARG C 19 15.42 -25.63 -30.59
CA ARG C 19 15.48 -24.75 -31.75
C ARG C 19 16.92 -24.39 -32.09
N VAL C 20 17.75 -24.11 -31.07
CA VAL C 20 19.15 -23.75 -31.34
C VAL C 20 19.90 -24.95 -31.91
N ALA C 21 19.70 -26.13 -31.34
CA ALA C 21 20.37 -27.34 -31.81
C ALA C 21 20.01 -27.63 -33.26
N LEU C 30 18.03 -35.93 -29.30
CA LEU C 30 18.03 -35.01 -28.14
C LEU C 30 19.46 -34.67 -27.71
N GLY C 31 20.42 -35.41 -28.25
CA GLY C 31 21.81 -35.31 -27.84
C GLY C 31 22.40 -33.90 -27.91
N PRO C 32 22.38 -33.28 -29.10
CA PRO C 32 22.89 -31.91 -29.18
C PRO C 32 22.18 -30.92 -28.25
N ALA C 33 20.85 -31.01 -28.11
CA ALA C 33 20.15 -30.09 -27.21
C ALA C 33 20.52 -30.35 -25.75
N LEU C 34 20.67 -31.63 -25.37
CA LEU C 34 21.06 -31.94 -24.00
C LEU C 34 22.43 -31.37 -23.66
N LEU C 35 23.37 -31.41 -24.62
CA LEU C 35 24.67 -30.81 -24.38
C LEU C 35 24.57 -29.30 -24.21
N LEU C 36 23.70 -28.65 -24.99
CA LEU C 36 23.50 -27.21 -24.81
C LEU C 36 22.92 -26.90 -23.44
N LEU C 37 21.98 -27.72 -22.98
CA LEU C 37 21.39 -27.52 -21.67
C LEU C 37 22.41 -27.72 -20.55
N GLN C 38 23.22 -28.78 -20.65
CA GLN C 38 24.19 -29.07 -19.60
C GLN C 38 25.22 -27.94 -19.48
N LYS C 39 25.61 -27.36 -20.62
CA LYS C 39 26.50 -26.21 -20.58
C LYS C 39 25.83 -25.01 -19.94
N GLN C 40 24.61 -24.69 -20.38
CA GLN C 40 23.92 -23.48 -19.92
C GLN C 40 23.61 -23.55 -18.43
N LEU C 41 23.37 -24.74 -17.91
CA LEU C 41 23.02 -24.91 -16.51
C LEU C 41 24.22 -25.25 -15.65
N SER C 42 25.43 -25.37 -16.25
CA SER C 42 26.63 -25.77 -15.52
C SER C 42 26.47 -27.15 -14.88
N LEU C 43 25.97 -28.09 -15.67
CA LEU C 43 25.96 -29.52 -15.38
C LEU C 43 27.06 -30.22 -16.16
N PRO C 44 27.49 -31.41 -15.72
CA PRO C 44 28.48 -32.15 -16.52
C PRO C 44 27.94 -32.42 -17.92
N GLU C 45 28.77 -32.15 -18.93
CA GLU C 45 28.32 -32.15 -20.33
C GLU C 45 28.51 -33.54 -20.93
N THR C 46 27.58 -34.43 -20.60
CA THR C 46 27.63 -35.82 -21.04
C THR C 46 26.87 -36.07 -22.33
N GLY C 47 25.94 -35.18 -22.68
CA GLY C 47 25.08 -35.44 -23.81
C GLY C 47 24.03 -36.50 -23.58
N GLU C 48 23.91 -37.00 -22.36
CA GLU C 48 22.98 -38.07 -22.06
C GLU C 48 21.92 -37.58 -21.08
N LEU C 49 20.72 -38.16 -21.19
CA LEU C 49 19.63 -37.89 -20.25
C LEU C 49 19.91 -38.63 -18.94
N ASP C 50 20.92 -38.13 -18.23
CA ASP C 50 21.39 -38.75 -16.99
C ASP C 50 20.63 -38.19 -15.79
N SER C 51 20.99 -38.66 -14.60
CA SER C 51 20.17 -38.31 -13.42
C SER C 51 20.31 -36.83 -13.07
N ALA C 52 21.52 -36.27 -13.23
CA ALA C 52 21.72 -34.85 -12.94
C ALA C 52 20.89 -33.98 -13.86
N THR C 53 20.82 -34.35 -15.14
CA THR C 53 20.00 -33.59 -16.09
C THR C 53 18.51 -33.72 -15.77
N LEU C 54 18.05 -34.93 -15.42
CA LEU C 54 16.65 -35.08 -15.06
C LEU C 54 16.31 -34.28 -13.80
N LYS C 55 17.20 -34.30 -12.79
CA LYS C 55 16.92 -33.52 -11.59
C LYS C 55 16.83 -32.03 -11.92
N ALA C 56 17.76 -31.52 -12.74
CA ALA C 56 17.69 -30.13 -13.16
C ALA C 56 16.34 -29.82 -13.82
N MET C 57 15.92 -30.69 -14.74
CA MET C 57 14.69 -30.45 -15.49
C MET C 57 13.47 -30.43 -14.59
N ARG C 58 13.50 -31.15 -13.47
CA ARG C 58 12.38 -31.23 -12.53
C ARG C 58 12.41 -30.13 -11.48
N THR C 59 13.39 -29.24 -11.52
CA THR C 59 13.53 -28.17 -10.54
C THR C 59 12.69 -26.96 -10.96
N PRO C 60 11.85 -26.44 -10.07
CA PRO C 60 11.08 -25.22 -10.38
C PRO C 60 12.00 -24.07 -10.78
N ARG C 61 11.51 -23.25 -11.70
CA ARG C 61 12.43 -22.30 -12.35
C ARG C 61 11.66 -21.17 -13.02
N CYS C 62 12.42 -20.25 -13.61
CA CYS C 62 11.87 -19.14 -14.37
C CYS C 62 11.33 -19.62 -15.71
N GLY C 63 10.23 -19.02 -16.14
CA GLY C 63 9.67 -19.37 -17.43
C GLY C 63 10.31 -18.74 -18.63
N VAL C 64 11.26 -17.84 -18.46
CA VAL C 64 11.94 -17.20 -19.59
C VAL C 64 12.90 -18.20 -20.24
N PRO C 65 12.96 -18.26 -21.57
CA PRO C 65 13.88 -19.19 -22.23
C PRO C 65 15.33 -18.90 -21.89
N ASP C 66 16.14 -19.96 -21.98
CA ASP C 66 17.57 -19.88 -21.72
C ASP C 66 18.36 -19.51 -22.96
N LEU C 67 18.00 -20.09 -24.11
CA LEU C 67 18.63 -19.75 -25.37
C LEU C 67 17.59 -19.08 -26.26
N GLY C 68 18.00 -18.04 -26.97
CA GLY C 68 17.01 -17.31 -27.72
C GLY C 68 16.02 -16.58 -26.80
N ARG C 69 14.92 -16.14 -27.40
CA ARG C 69 13.96 -15.31 -26.68
C ARG C 69 12.54 -15.83 -26.92
N PHE C 70 11.60 -15.32 -26.12
CA PHE C 70 10.18 -15.60 -26.36
C PHE C 70 9.79 -15.30 -27.81
N GLN C 71 10.37 -14.26 -28.38
CA GLN C 71 9.96 -13.70 -29.66
C GLN C 71 11.01 -12.66 -30.06
N THR C 72 10.78 -12.04 -31.21
CA THR C 72 11.52 -10.83 -31.56
C THR C 72 10.88 -9.64 -30.85
N PHE C 73 11.69 -8.91 -30.10
CA PHE C 73 11.21 -7.73 -29.39
C PHE C 73 11.66 -6.49 -30.14
N GLU C 74 11.09 -5.35 -29.75
CA GLU C 74 11.43 -4.07 -30.36
C GLU C 74 12.56 -3.40 -29.58
N GLY C 75 13.49 -2.79 -30.33
CA GLY C 75 14.54 -1.97 -29.73
C GLY C 75 15.74 -2.78 -29.28
N ASP C 76 16.65 -2.10 -28.59
CA ASP C 76 17.92 -2.71 -28.21
C ASP C 76 17.88 -3.38 -26.85
N LEU C 77 16.71 -3.43 -26.23
CA LEU C 77 16.45 -4.25 -25.04
C LEU C 77 17.13 -3.69 -23.80
N LYS C 78 17.34 -2.37 -23.74
CA LYS C 78 17.71 -1.71 -22.50
C LYS C 78 16.89 -0.44 -22.37
N TRP C 79 16.74 0.05 -21.14
CA TRP C 79 16.04 1.31 -20.92
C TRP C 79 16.91 2.48 -21.29
N HIS C 80 16.26 3.51 -21.84
CA HIS C 80 16.94 4.73 -22.27
C HIS C 80 16.45 5.96 -21.50
N HIS C 81 15.92 5.74 -20.30
CA HIS C 81 15.70 6.78 -19.32
C HIS C 81 16.02 6.21 -17.95
N HIS C 82 16.30 7.09 -17.00
CA HIS C 82 16.71 6.66 -15.67
C HIS C 82 15.55 6.40 -14.74
N ASN C 83 14.42 7.09 -14.94
CA ASN C 83 13.34 7.10 -13.96
C ASN C 83 12.33 6.03 -14.34
N ILE C 84 12.57 4.79 -13.88
CA ILE C 84 11.73 3.67 -14.29
C ILE C 84 10.49 3.64 -13.41
N THR C 85 9.33 3.47 -14.03
CA THR C 85 8.08 3.44 -13.30
C THR C 85 7.51 2.03 -13.31
N TYR C 86 6.80 1.69 -12.24
CA TYR C 86 6.16 0.39 -12.14
C TYR C 86 4.75 0.51 -11.56
N TRP C 87 3.88 -0.38 -12.03
CA TRP C 87 2.49 -0.40 -11.63
C TRP C 87 2.12 -1.82 -11.23
N ILE C 88 1.57 -1.99 -10.03
CA ILE C 88 1.10 -3.31 -9.59
C ILE C 88 -0.35 -3.42 -10.05
N GLN C 89 -0.58 -4.27 -11.05
CA GLN C 89 -1.89 -4.33 -11.69
C GLN C 89 -2.90 -5.03 -10.81
N ASN C 90 -2.47 -6.06 -10.08
CA ASN C 90 -3.39 -6.83 -9.25
C ASN C 90 -2.56 -7.52 -8.17
N TYR C 91 -3.27 -8.23 -7.27
CA TYR C 91 -2.65 -8.81 -6.08
C TYR C 91 -3.07 -10.25 -5.94
N SER C 92 -2.09 -11.12 -5.67
CA SER C 92 -2.38 -12.46 -5.17
C SER C 92 -3.00 -12.36 -3.79
N GLU C 93 -3.80 -13.38 -3.44
CA GLU C 93 -4.39 -13.43 -2.11
C GLU C 93 -3.48 -14.11 -1.10
N ASP C 94 -2.33 -14.63 -1.53
CA ASP C 94 -1.47 -15.41 -0.65
C ASP C 94 -0.81 -14.56 0.43
N LEU C 95 -0.68 -13.25 0.21
CA LEU C 95 0.05 -12.37 1.08
C LEU C 95 -0.69 -11.05 1.18
N PRO C 96 -0.63 -10.38 2.32
CA PRO C 96 -1.25 -9.06 2.43
C PRO C 96 -0.63 -8.10 1.43
N ARG C 97 -1.42 -7.10 1.02
CA ARG C 97 -0.94 -6.12 0.04
C ARG C 97 0.33 -5.43 0.50
N ALA C 98 0.42 -5.07 1.78
CA ALA C 98 1.61 -4.37 2.29
C ALA C 98 2.85 -5.24 2.19
N VAL C 99 2.69 -6.56 2.36
CA VAL C 99 3.82 -7.48 2.26
C VAL C 99 4.24 -7.64 0.81
N ILE C 100 3.26 -7.69 -0.09
CA ILE C 100 3.55 -7.79 -1.53
C ILE C 100 4.23 -6.51 -2.02
N ASP C 101 3.67 -5.36 -1.66
CA ASP C 101 4.27 -4.07 -2.03
C ASP C 101 5.71 -3.99 -1.59
N ASP C 102 5.98 -4.44 -0.36
CA ASP C 102 7.30 -4.29 0.21
C ASP C 102 8.26 -5.29 -0.41
N ALA C 103 7.76 -6.47 -0.76
CA ALA C 103 8.58 -7.45 -1.47
C ALA C 103 9.08 -6.87 -2.80
N PHE C 104 8.17 -6.25 -3.57
CA PHE C 104 8.58 -5.65 -4.83
C PHE C 104 9.48 -4.44 -4.61
N ALA C 105 9.16 -3.59 -3.63
CA ALA C 105 10.04 -2.45 -3.34
C ALA C 105 11.45 -2.90 -2.99
N ARG C 106 11.59 -3.92 -2.13
CA ARG C 106 12.93 -4.38 -1.76
C ARG C 106 13.65 -5.00 -2.97
N ALA C 107 12.91 -5.71 -3.82
CA ALA C 107 13.53 -6.27 -5.02
C ALA C 107 14.04 -5.16 -5.94
N PHE C 108 13.26 -4.08 -6.13
CA PHE C 108 13.76 -2.95 -6.90
C PHE C 108 14.95 -2.29 -6.22
N ALA C 109 14.96 -2.25 -4.89
CA ALA C 109 16.04 -1.57 -4.18
C ALA C 109 17.37 -2.26 -4.42
N LEU C 110 17.36 -3.58 -4.63
CA LEU C 110 18.58 -4.28 -5.03
C LEU C 110 19.17 -3.70 -6.30
N TRP C 111 18.32 -3.46 -7.30
CA TRP C 111 18.81 -3.01 -8.59
C TRP C 111 19.10 -1.53 -8.58
N SER C 112 18.34 -0.77 -7.81
CA SER C 112 18.63 0.68 -7.84
C SER C 112 19.97 0.99 -7.20
N ALA C 113 20.41 0.22 -6.20
CA ALA C 113 21.69 0.56 -5.60
C ALA C 113 22.85 0.36 -6.57
N VAL C 114 22.70 -0.50 -7.57
CA VAL C 114 23.82 -0.90 -8.42
C VAL C 114 23.70 -0.33 -9.83
N THR C 115 22.72 0.53 -10.07
CA THR C 115 22.51 1.11 -11.40
C THR C 115 22.25 2.60 -11.27
N PRO C 116 22.27 3.36 -12.39
CA PRO C 116 21.85 4.77 -12.35
C PRO C 116 20.34 4.92 -12.46
N LEU C 117 19.60 3.85 -12.17
CA LEU C 117 18.15 3.84 -12.33
C LEU C 117 17.47 4.08 -10.98
N THR C 118 16.30 4.70 -11.04
CA THR C 118 15.40 4.77 -9.91
C THR C 118 14.10 4.07 -10.29
N PHE C 119 13.37 3.62 -9.27
CA PHE C 119 12.13 2.89 -9.47
C PHE C 119 11.03 3.56 -8.69
N THR C 120 10.02 4.06 -9.39
CA THR C 120 8.94 4.81 -8.77
C THR C 120 7.62 4.09 -9.00
N ARG C 121 6.89 3.84 -7.94
CA ARG C 121 5.60 3.19 -8.11
C ARG C 121 4.59 4.22 -8.61
N VAL C 122 3.83 3.86 -9.65
CA VAL C 122 2.79 4.74 -10.18
C VAL C 122 1.46 3.98 -10.16
N TYR C 123 0.39 4.73 -10.35
CA TYR C 123 -0.93 4.12 -10.27
C TYR C 123 -1.69 4.27 -11.58
N SER C 124 -1.05 3.87 -12.69
CA SER C 124 -1.71 3.80 -13.99
C SER C 124 -0.95 2.82 -14.87
N ARG C 125 -1.60 2.40 -15.95
CA ARG C 125 -1.02 1.41 -16.87
C ARG C 125 0.11 1.98 -17.72
N ASP C 126 0.39 3.29 -17.63
CA ASP C 126 1.46 3.92 -18.38
C ASP C 126 2.86 3.46 -17.96
N ALA C 127 2.95 2.71 -16.86
CA ALA C 127 4.24 2.40 -16.24
C ALA C 127 5.13 1.60 -17.18
N ASP C 128 6.45 1.78 -17.02
CA ASP C 128 7.41 0.95 -17.74
C ASP C 128 7.21 -0.52 -17.43
N ILE C 129 7.18 -0.85 -16.14
CA ILE C 129 7.15 -2.23 -15.67
C ILE C 129 5.77 -2.47 -15.06
N VAL C 130 4.93 -3.20 -15.77
CA VAL C 130 3.63 -3.58 -15.25
C VAL C 130 3.77 -4.96 -14.62
N ILE C 131 3.32 -5.07 -13.37
CA ILE C 131 3.44 -6.29 -12.56
C ILE C 131 2.06 -6.93 -12.46
N GLN C 132 1.99 -8.22 -12.73
CA GLN C 132 0.71 -8.91 -12.80
C GLN C 132 0.84 -10.28 -12.17
N PHE C 133 -0.18 -10.67 -11.40
CA PHE C 133 -0.36 -12.06 -10.99
C PHE C 133 -1.39 -12.69 -11.90
N GLY C 134 -1.14 -13.91 -12.34
CA GLY C 134 -2.09 -14.53 -13.23
C GLY C 134 -1.89 -16.03 -13.25
N VAL C 135 -2.85 -16.71 -13.84
CA VAL C 135 -2.80 -18.17 -13.93
C VAL C 135 -3.07 -18.60 -15.36
N ALA C 136 -2.48 -19.73 -15.74
CA ALA C 136 -2.61 -20.26 -17.10
C ALA C 136 -2.47 -19.17 -18.15
N GLU C 137 -3.40 -19.11 -19.09
CA GLU C 137 -3.37 -18.02 -20.07
C GLU C 137 -3.89 -16.76 -19.40
N HIS C 138 -3.03 -15.74 -19.33
CA HIS C 138 -3.34 -14.54 -18.56
C HIS C 138 -3.19 -13.27 -19.40
N GLY C 139 -3.20 -13.38 -20.72
CA GLY C 139 -3.35 -12.23 -21.59
C GLY C 139 -2.20 -11.96 -22.54
N ASP C 140 -1.08 -12.68 -22.46
CA ASP C 140 0.07 -12.44 -23.32
C ASP C 140 0.42 -13.62 -24.20
N GLY C 141 -0.38 -14.68 -24.18
CA GLY C 141 -0.07 -15.82 -25.02
C GLY C 141 1.13 -16.64 -24.59
N TYR C 142 1.64 -16.40 -23.38
CA TYR C 142 2.70 -17.23 -22.79
C TYR C 142 2.13 -17.79 -21.49
N PRO C 143 1.31 -18.83 -21.58
CA PRO C 143 0.52 -19.26 -20.43
C PRO C 143 1.37 -19.91 -19.35
N PHE C 144 0.93 -19.73 -18.12
CA PHE C 144 1.53 -20.41 -16.99
C PHE C 144 1.06 -21.87 -16.95
N ASP C 145 1.64 -22.67 -16.05
CA ASP C 145 1.54 -24.12 -16.12
C ASP C 145 0.99 -24.76 -14.84
N GLY C 146 0.27 -24.02 -14.02
CA GLY C 146 -0.20 -24.56 -12.75
C GLY C 146 0.92 -24.61 -11.72
N LYS C 147 0.67 -25.37 -10.65
CA LYS C 147 1.57 -25.34 -9.51
C LYS C 147 2.96 -25.87 -9.89
N ASP C 148 4.00 -25.22 -9.35
CA ASP C 148 5.40 -25.55 -9.58
C ASP C 148 5.75 -25.42 -11.07
N GLY C 149 6.78 -26.13 -11.55
CA GLY C 149 7.24 -25.90 -12.91
C GLY C 149 7.85 -24.51 -13.07
N LEU C 150 7.36 -23.74 -14.04
CA LEU C 150 7.82 -22.35 -14.12
C LEU C 150 7.02 -21.47 -13.16
N LEU C 151 7.71 -20.49 -12.55
CA LEU C 151 7.13 -19.70 -11.48
C LEU C 151 6.69 -18.30 -11.93
N ALA C 152 7.29 -17.77 -12.99
CA ALA C 152 7.12 -16.37 -13.32
C ALA C 152 7.83 -16.16 -14.66
N HIS C 153 7.59 -15.01 -15.27
CA HIS C 153 8.41 -14.60 -16.41
C HIS C 153 8.38 -13.10 -16.52
N ALA C 154 9.24 -12.57 -17.37
CA ALA C 154 9.32 -11.14 -17.58
C ALA C 154 9.86 -10.92 -18.99
N PHE C 155 9.79 -9.67 -19.43
CA PHE C 155 10.15 -9.31 -20.79
C PHE C 155 11.15 -8.18 -20.79
N PRO C 156 12.04 -8.16 -21.77
CA PRO C 156 13.14 -7.19 -21.75
C PRO C 156 12.63 -5.77 -21.99
N PRO C 157 13.44 -4.76 -21.66
CA PRO C 157 13.00 -3.37 -21.78
C PRO C 157 12.50 -3.03 -23.18
N GLY C 158 11.52 -2.14 -23.21
CA GLY C 158 10.95 -1.65 -24.44
C GLY C 158 9.52 -1.24 -24.19
N PRO C 159 8.76 -1.11 -25.27
CA PRO C 159 7.38 -0.65 -25.17
C PRO C 159 6.39 -1.78 -24.88
N GLY C 160 5.25 -1.38 -24.34
CA GLY C 160 4.13 -2.28 -24.15
C GLY C 160 4.41 -3.39 -23.17
N ILE C 161 4.24 -4.64 -23.61
CA ILE C 161 4.51 -5.79 -22.74
C ILE C 161 5.97 -5.84 -22.32
N GLN C 162 6.86 -5.26 -23.12
CA GLN C 162 8.27 -5.26 -22.76
C GLN C 162 8.48 -4.53 -21.44
N GLY C 163 9.41 -5.04 -20.63
CA GLY C 163 9.58 -4.55 -19.28
C GLY C 163 8.65 -5.18 -18.25
N ASP C 164 7.60 -5.89 -18.66
CA ASP C 164 6.62 -6.33 -17.67
C ASP C 164 7.06 -7.62 -16.98
N ALA C 165 6.48 -7.88 -15.81
CA ALA C 165 6.84 -9.04 -15.00
C ALA C 165 5.55 -9.69 -14.51
N HIS C 166 5.40 -10.99 -14.77
CA HIS C 166 4.20 -11.73 -14.42
C HIS C 166 4.56 -12.87 -13.47
N PHE C 167 3.73 -13.07 -12.45
CA PHE C 167 3.96 -14.11 -11.46
C PHE C 167 2.82 -15.13 -11.51
N ASP C 168 3.18 -16.43 -11.52
CA ASP C 168 2.20 -17.50 -11.60
C ASP C 168 1.47 -17.65 -10.27
N ASP C 169 0.20 -17.26 -10.21
CA ASP C 169 -0.53 -17.30 -8.96
C ASP C 169 -1.08 -18.70 -8.64
N ASP C 170 -0.83 -19.68 -9.48
CA ASP C 170 -0.98 -21.08 -9.06
C ASP C 170 0.14 -21.52 -8.12
N GLU C 171 1.18 -20.71 -7.93
CA GLU C 171 2.12 -20.95 -6.85
C GLU C 171 1.59 -20.38 -5.55
N LEU C 172 2.10 -20.90 -4.43
CA LEU C 172 1.89 -20.29 -3.13
C LEU C 172 3.03 -19.30 -2.88
N TRP C 173 2.70 -18.01 -2.92
CA TRP C 173 3.70 -16.98 -2.74
C TRP C 173 3.89 -16.70 -1.25
N SER C 174 5.14 -16.72 -0.81
CA SER C 174 5.44 -16.52 0.60
C SER C 174 6.68 -15.64 0.68
N LEU C 175 7.34 -15.66 1.85
CA LEU C 175 8.61 -14.96 2.05
C LEU C 175 9.65 -15.85 2.71
N GLY C 176 9.27 -16.58 3.77
CA GLY C 176 10.21 -17.31 4.59
C GLY C 176 10.53 -18.70 4.07
N LYS C 177 11.33 -19.42 4.86
CA LYS C 177 11.48 -20.83 4.60
C LYS C 177 10.17 -21.54 4.94
N GLY C 178 9.96 -22.70 4.31
CA GLY C 178 8.70 -23.40 4.43
C GLY C 178 8.03 -23.55 3.07
N GLN C 179 6.71 -23.64 3.11
CA GLN C 179 5.93 -23.85 1.89
C GLN C 179 6.02 -22.63 0.97
N GLY C 180 5.89 -22.89 -0.33
CA GLY C 180 5.80 -21.81 -1.29
C GLY C 180 7.13 -21.15 -1.63
N TYR C 181 7.03 -20.13 -2.48
CA TYR C 181 8.20 -19.51 -3.09
C TYR C 181 8.33 -18.07 -2.62
N SER C 182 9.57 -17.63 -2.39
CA SER C 182 9.78 -16.23 -1.99
C SER C 182 9.40 -15.28 -3.11
N LEU C 183 8.39 -14.44 -2.87
CA LEU C 183 8.01 -13.45 -3.85
C LEU C 183 9.13 -12.45 -4.05
N PHE C 184 9.87 -12.16 -2.99
CA PHE C 184 10.97 -11.20 -3.07
C PHE C 184 12.07 -11.71 -3.99
N LEU C 185 12.51 -12.96 -3.77
CA LEU C 185 13.61 -13.52 -4.57
C LEU C 185 13.21 -13.67 -6.01
N VAL C 186 12.01 -14.22 -6.26
CA VAL C 186 11.55 -14.39 -7.64
C VAL C 186 11.38 -13.03 -8.33
N ALA C 187 10.81 -12.04 -7.61
CA ALA C 187 10.68 -10.70 -8.19
C ALA C 187 12.03 -10.11 -8.51
N ALA C 188 12.99 -10.23 -7.61
CA ALA C 188 14.32 -9.68 -7.88
C ALA C 188 14.89 -10.28 -9.16
N HIS C 189 14.70 -11.59 -9.37
CA HIS C 189 15.14 -12.24 -10.59
C HIS C 189 14.40 -11.69 -11.82
N GLU C 190 13.07 -11.64 -11.76
CA GLU C 190 12.29 -11.20 -12.92
C GLU C 190 12.59 -9.75 -13.26
N PHE C 191 12.79 -8.92 -12.24
CA PHE C 191 13.15 -7.53 -12.49
C PHE C 191 14.49 -7.43 -13.20
N GLY C 192 15.42 -8.36 -12.93
CA GLY C 192 16.63 -8.44 -13.72
C GLY C 192 16.34 -8.54 -15.21
N HIS C 193 15.40 -9.41 -15.58
CA HIS C 193 14.98 -9.48 -16.99
C HIS C 193 14.36 -8.17 -17.45
N ALA C 194 13.50 -7.57 -16.61
CA ALA C 194 12.83 -6.33 -16.95
C ALA C 194 13.81 -5.18 -17.15
N LEU C 195 15.06 -5.34 -16.70
CA LEU C 195 16.11 -4.35 -16.92
C LEU C 195 17.05 -4.72 -18.05
N GLY C 196 16.93 -5.93 -18.61
CA GLY C 196 17.71 -6.31 -19.77
C GLY C 196 18.61 -7.51 -19.60
N LEU C 197 18.58 -8.20 -18.46
CA LEU C 197 19.49 -9.33 -18.24
C LEU C 197 18.91 -10.62 -18.80
N ASP C 198 19.82 -11.51 -19.19
CA ASP C 198 19.51 -12.89 -19.52
C ASP C 198 19.87 -13.79 -18.35
N HIS C 199 19.66 -15.08 -18.51
CA HIS C 199 20.00 -16.00 -17.44
C HIS C 199 21.51 -16.18 -17.31
N SER C 200 21.93 -16.38 -16.07
CA SER C 200 23.30 -16.73 -15.72
C SER C 200 23.49 -18.23 -15.76
N SER C 201 24.69 -18.66 -16.13
CA SER C 201 25.04 -20.06 -15.93
C SER C 201 25.70 -20.33 -14.59
N VAL C 202 25.89 -19.30 -13.76
CA VAL C 202 26.48 -19.46 -12.44
C VAL C 202 25.40 -19.92 -11.46
N PRO C 203 25.47 -21.12 -10.90
CA PRO C 203 24.33 -21.62 -10.13
C PRO C 203 23.99 -20.80 -8.91
N GLU C 204 24.95 -20.04 -8.36
CA GLU C 204 24.69 -19.21 -7.18
C GLU C 204 24.10 -17.85 -7.52
N ALA C 205 24.18 -17.42 -8.77
CA ALA C 205 23.78 -16.07 -9.14
C ALA C 205 22.27 -15.92 -9.12
N LEU C 206 21.81 -14.70 -8.82
CA LEU C 206 20.37 -14.44 -8.81
C LEU C 206 19.72 -14.79 -10.14
N MET C 207 20.41 -14.52 -11.24
CA MET C 207 19.83 -14.72 -12.56
C MET C 207 19.99 -16.15 -13.07
N TYR C 208 20.56 -17.06 -12.30
CA TYR C 208 20.42 -18.47 -12.64
C TYR C 208 18.93 -18.82 -12.70
N PRO C 209 18.50 -19.68 -13.63
CA PRO C 209 17.05 -19.85 -13.86
C PRO C 209 16.33 -20.65 -12.80
N MET C 210 17.02 -21.52 -12.06
CA MET C 210 16.34 -22.36 -11.09
C MET C 210 16.06 -21.58 -9.81
N TYR C 211 14.91 -21.85 -9.22
CA TYR C 211 14.61 -21.27 -7.92
C TYR C 211 15.46 -21.93 -6.84
N ARG C 212 16.11 -21.11 -6.02
CA ARG C 212 16.70 -21.61 -4.79
C ARG C 212 16.43 -20.58 -3.71
N PHE C 213 15.99 -21.05 -2.56
CA PHE C 213 15.76 -20.14 -1.46
C PHE C 213 17.07 -19.80 -0.78
N THR C 214 17.20 -18.54 -0.39
CA THR C 214 18.35 -18.09 0.37
C THR C 214 17.94 -16.94 1.28
N GLU C 215 18.58 -16.87 2.44
CA GLU C 215 18.46 -15.73 3.33
C GLU C 215 19.64 -14.77 3.21
N GLY C 216 20.63 -15.13 2.40
CA GLY C 216 21.76 -14.26 2.11
C GLY C 216 21.39 -13.19 1.11
N PRO C 217 22.31 -12.24 0.92
CA PRO C 217 22.07 -11.16 -0.06
C PRO C 217 21.88 -11.75 -1.45
N PRO C 218 20.82 -11.38 -2.16
CA PRO C 218 20.52 -12.06 -3.43
C PRO C 218 21.51 -11.78 -4.54
N LEU C 219 22.12 -10.59 -4.61
CA LEU C 219 22.96 -10.27 -5.77
C LEU C 219 24.32 -10.94 -5.65
N HIS C 220 24.80 -11.47 -6.77
CA HIS C 220 26.14 -12.01 -6.86
C HIS C 220 26.92 -11.24 -7.92
N LYS C 221 28.23 -11.49 -7.96
CA LYS C 221 29.11 -10.78 -8.88
C LYS C 221 28.59 -10.82 -10.30
N ASP C 222 28.13 -11.99 -10.74
CA ASP C 222 27.69 -12.13 -12.13
C ASP C 222 26.50 -11.24 -12.43
N ASP C 223 25.61 -11.08 -11.47
CA ASP C 223 24.43 -10.26 -11.63
C ASP C 223 24.82 -8.80 -11.76
N VAL C 224 25.71 -8.35 -10.88
CA VAL C 224 26.14 -6.96 -10.91
C VAL C 224 26.97 -6.70 -12.17
N ASN C 225 27.83 -7.64 -12.56
CA ASN C 225 28.59 -7.48 -13.79
C ASN C 225 27.66 -7.31 -14.97
N GLY C 226 26.59 -8.10 -15.02
CA GLY C 226 25.68 -8.02 -16.14
C GLY C 226 24.92 -6.71 -16.18
N ILE C 227 24.49 -6.22 -15.01
CA ILE C 227 23.72 -4.99 -15.04
C ILE C 227 24.63 -3.79 -15.32
N ARG C 228 25.88 -3.81 -14.82
CA ARG C 228 26.81 -2.72 -15.13
C ARG C 228 27.16 -2.69 -16.60
N HIS C 229 27.20 -3.87 -17.25
CA HIS C 229 27.49 -3.89 -18.68
C HIS C 229 26.45 -3.10 -19.46
N LEU C 230 25.19 -3.16 -19.02
CA LEU C 230 24.11 -2.43 -19.67
C LEU C 230 24.09 -0.96 -19.29
N TYR C 231 24.27 -0.65 -18.02
CA TYR C 231 24.04 0.72 -17.55
C TYR C 231 25.24 1.42 -16.94
N THR D 3 25.36 17.74 31.64
CA THR D 3 24.93 18.92 30.91
C THR D 3 24.81 18.65 29.41
N ASP D 4 23.80 19.25 28.77
CA ASP D 4 23.69 19.17 27.32
C ASP D 4 24.95 19.68 26.64
N ARG D 5 25.53 20.77 27.16
CA ARG D 5 26.80 21.25 26.61
C ARG D 5 27.90 20.21 26.79
N GLN D 6 27.90 19.50 27.93
CA GLN D 6 28.94 18.49 28.17
C GLN D 6 28.77 17.30 27.23
N LEU D 7 27.53 16.87 27.01
CA LEU D 7 27.27 15.85 25.99
C LEU D 7 27.77 16.31 24.64
N ALA D 8 27.47 17.56 24.27
CA ALA D 8 27.89 18.06 22.96
C ALA D 8 29.41 18.14 22.86
N GLU D 9 30.08 18.63 23.91
CA GLU D 9 31.53 18.75 23.85
C GLU D 9 32.20 17.38 23.67
N GLU D 10 31.71 16.36 24.38
CA GLU D 10 32.27 15.03 24.24
C GLU D 10 32.07 14.48 22.83
N TYR D 11 30.87 14.68 22.29
CA TYR D 11 30.56 14.15 20.95
C TYR D 11 31.34 14.89 19.88
N LEU D 12 31.41 16.21 19.97
CA LEU D 12 32.17 16.96 18.98
C LEU D 12 33.64 16.62 19.04
N TYR D 13 34.16 16.30 20.23
CA TYR D 13 35.56 15.93 20.35
C TYR D 13 35.78 14.55 19.76
N ARG D 14 34.99 13.58 20.20
CA ARG D 14 35.26 12.18 19.85
C ARG D 14 35.23 11.96 18.35
N TYR D 15 34.33 12.63 17.65
CA TYR D 15 34.08 12.30 16.25
C TYR D 15 34.79 13.25 15.28
N GLY D 16 35.63 14.14 15.79
CA GLY D 16 36.55 14.89 14.96
C GLY D 16 36.16 16.32 14.68
N TYR D 17 35.00 16.77 15.17
CA TYR D 17 34.51 18.10 14.82
C TYR D 17 35.31 19.20 15.50
N THR D 18 35.58 19.03 16.80
CA THR D 18 36.30 20.07 17.54
C THR D 18 37.66 20.35 16.91
N ARG D 19 38.39 19.30 16.56
CA ARG D 19 39.73 19.47 15.99
C ARG D 19 39.68 20.28 14.70
N VAL D 20 38.77 19.92 13.80
CA VAL D 20 38.67 20.61 12.51
C VAL D 20 38.26 22.06 12.72
N ALA D 21 37.25 22.30 13.56
CA ALA D 21 36.79 23.66 13.83
C ALA D 21 37.92 24.49 14.46
N LEU D 30 30.92 26.90 20.15
CA LEU D 30 30.61 25.57 19.59
C LEU D 30 29.96 25.69 18.22
N GLY D 31 29.49 26.90 17.88
CA GLY D 31 28.80 27.16 16.64
C GLY D 31 29.44 26.53 15.42
N PRO D 32 30.71 26.86 15.15
CA PRO D 32 31.39 26.27 13.99
C PRO D 32 31.41 24.75 13.98
N ALA D 33 31.73 24.12 15.11
CA ALA D 33 31.77 22.65 15.14
C ALA D 33 30.38 22.04 15.01
N LEU D 34 29.36 22.70 15.58
CA LEU D 34 27.97 22.26 15.39
C LEU D 34 27.58 22.33 13.93
N LEU D 35 28.03 23.38 13.21
CA LEU D 35 27.68 23.48 11.80
C LEU D 35 28.30 22.34 10.99
N LEU D 36 29.52 21.96 11.34
CA LEU D 36 30.18 20.85 10.64
C LEU D 36 29.44 19.55 10.92
N LEU D 37 28.99 19.37 12.16
CA LEU D 37 28.24 18.17 12.51
C LEU D 37 26.88 18.13 11.82
N GLN D 38 26.21 19.28 11.73
CA GLN D 38 24.90 19.33 11.10
C GLN D 38 25.00 19.08 9.59
N LYS D 39 26.06 19.58 8.95
CA LYS D 39 26.29 19.24 7.55
C LYS D 39 26.62 17.75 7.39
N GLN D 40 27.50 17.21 8.24
CA GLN D 40 27.91 15.82 8.06
C GLN D 40 26.77 14.83 8.30
N LEU D 41 25.83 15.15 9.20
CA LEU D 41 24.72 14.27 9.51
C LEU D 41 23.44 14.61 8.77
N SER D 42 23.46 15.65 7.93
CA SER D 42 22.30 16.10 7.16
C SER D 42 21.16 16.56 8.07
N LEU D 43 21.51 17.29 9.13
CA LEU D 43 20.56 18.02 9.94
C LEU D 43 20.47 19.46 9.48
N PRO D 44 19.43 20.20 9.87
CA PRO D 44 19.39 21.65 9.57
C PRO D 44 20.62 22.35 10.15
N GLU D 45 21.24 23.19 9.32
CA GLU D 45 22.53 23.79 9.69
C GLU D 45 22.25 25.12 10.39
N THR D 46 21.89 25.00 11.67
CA THR D 46 21.48 26.13 12.49
C THR D 46 22.61 26.74 13.29
N GLY D 47 23.68 25.98 13.51
CA GLY D 47 24.74 26.40 14.40
C GLY D 47 24.39 26.36 15.88
N GLU D 48 23.22 25.84 16.24
CA GLU D 48 22.75 25.83 17.61
C GLU D 48 22.70 24.41 18.15
N LEU D 49 22.87 24.28 19.45
CA LEU D 49 22.67 22.99 20.13
C LEU D 49 21.16 22.82 20.37
N ASP D 50 20.46 22.54 19.26
CA ASP D 50 19.00 22.42 19.27
C ASP D 50 18.57 20.97 19.50
N SER D 51 17.26 20.74 19.51
CA SER D 51 16.75 19.41 19.85
C SER D 51 17.11 18.37 18.79
N ALA D 52 17.08 18.76 17.51
CA ALA D 52 17.51 17.84 16.46
C ALA D 52 18.95 17.40 16.68
N THR D 53 19.83 18.36 16.95
CA THR D 53 21.23 18.04 17.13
C THR D 53 21.45 17.20 18.38
N LEU D 54 20.72 17.50 19.47
CA LEU D 54 20.87 16.71 20.68
C LEU D 54 20.34 15.29 20.47
N LYS D 55 19.23 15.15 19.74
CA LYS D 55 18.75 13.81 19.44
C LYS D 55 19.76 13.02 18.62
N ALA D 56 20.40 13.67 17.64
CA ALA D 56 21.44 12.99 16.86
C ALA D 56 22.57 12.52 17.76
N MET D 57 23.01 13.39 18.67
CA MET D 57 24.13 13.05 19.53
C MET D 57 23.80 11.88 20.46
N ARG D 58 22.51 11.68 20.78
CA ARG D 58 22.13 10.61 21.70
C ARG D 58 21.77 9.31 20.98
N THR D 59 21.96 9.27 19.69
CA THR D 59 21.67 8.10 18.87
C THR D 59 22.88 7.18 18.82
N PRO D 60 22.70 5.88 19.07
CA PRO D 60 23.83 4.94 19.01
C PRO D 60 24.38 4.89 17.61
N ARG D 61 25.69 4.64 17.49
CA ARG D 61 26.34 4.90 16.22
C ARG D 61 27.71 4.21 16.17
N CYS D 62 28.40 4.41 15.05
CA CYS D 62 29.73 3.86 14.84
C CYS D 62 30.79 4.68 15.55
N GLY D 63 31.78 4.00 16.11
CA GLY D 63 32.82 4.73 16.79
C GLY D 63 33.89 5.37 15.93
N VAL D 64 33.85 5.17 14.62
CA VAL D 64 34.85 5.79 13.75
C VAL D 64 34.57 7.27 13.65
N PRO D 65 35.59 8.14 13.71
CA PRO D 65 35.32 9.58 13.59
C PRO D 65 34.73 9.93 12.23
N ASP D 66 33.95 11.01 12.22
CA ASP D 66 33.34 11.50 10.99
C ASP D 66 34.30 12.38 10.19
N LEU D 67 35.03 13.25 10.87
CA LEU D 67 36.05 14.10 10.27
C LEU D 67 37.43 13.68 10.75
N GLY D 68 38.38 13.64 9.83
CA GLY D 68 39.68 13.12 10.18
C GLY D 68 39.60 11.62 10.42
N ARG D 69 40.67 11.11 11.02
CA ARG D 69 40.83 9.69 11.24
C ARG D 69 41.29 9.47 12.67
N PHE D 70 41.21 8.21 13.13
CA PHE D 70 41.76 7.86 14.44
C PHE D 70 43.20 8.32 14.55
N GLN D 71 43.98 8.11 13.49
CA GLN D 71 45.40 8.43 13.46
C GLN D 71 45.80 8.52 11.99
N THR D 72 47.05 8.94 11.76
CA THR D 72 47.60 8.72 10.44
C THR D 72 47.85 7.22 10.27
N PHE D 73 47.45 6.69 9.13
CA PHE D 73 47.61 5.27 8.86
C PHE D 73 48.65 5.09 7.77
N GLU D 74 49.08 3.85 7.60
CA GLU D 74 50.08 3.51 6.58
C GLU D 74 49.40 3.24 5.24
N GLY D 75 50.00 3.76 4.16
CA GLY D 75 49.56 3.45 2.81
C GLY D 75 48.44 4.35 2.33
N ASP D 76 47.85 3.95 1.19
CA ASP D 76 46.81 4.76 0.57
C ASP D 76 45.40 4.32 0.94
N LEU D 77 45.27 3.38 1.87
CA LEU D 77 44.00 3.05 2.53
C LEU D 77 43.03 2.35 1.60
N LYS D 78 43.54 1.65 0.60
CA LYS D 78 42.73 0.66 -0.13
C LYS D 78 43.54 -0.62 -0.23
N TRP D 79 42.84 -1.73 -0.41
CA TRP D 79 43.51 -3.00 -0.62
C TRP D 79 44.11 -3.05 -2.02
N HIS D 80 45.32 -3.63 -2.11
CA HIS D 80 46.01 -3.83 -3.39
C HIS D 80 46.16 -5.30 -3.74
N HIS D 81 45.30 -6.14 -3.17
CA HIS D 81 45.07 -7.48 -3.66
C HIS D 81 43.58 -7.75 -3.57
N HIS D 82 43.13 -8.76 -4.31
CA HIS D 82 41.70 -8.97 -4.45
C HIS D 82 41.13 -10.00 -3.50
N ASN D 83 41.96 -10.95 -3.02
CA ASN D 83 41.49 -12.03 -2.15
C ASN D 83 41.72 -11.60 -0.71
N ILE D 84 40.70 -11.01 -0.10
CA ILE D 84 40.79 -10.50 1.26
C ILE D 84 40.46 -11.62 2.23
N THR D 85 41.32 -11.85 3.20
CA THR D 85 41.07 -12.90 4.19
C THR D 85 40.56 -12.26 5.47
N TYR D 86 39.74 -13.02 6.20
CA TYR D 86 39.23 -12.54 7.49
C TYR D 86 39.26 -13.67 8.50
N TRP D 87 39.42 -13.29 9.78
CA TRP D 87 39.53 -14.23 10.89
C TRP D 87 38.64 -13.76 12.03
N ILE D 88 37.72 -14.63 12.44
CA ILE D 88 36.88 -14.35 13.61
C ILE D 88 37.68 -14.79 14.83
N GLN D 89 38.26 -13.80 15.51
CA GLN D 89 39.22 -14.09 16.59
C GLN D 89 38.53 -14.60 17.85
N ASN D 90 37.32 -14.13 18.13
CA ASN D 90 36.56 -14.57 19.29
C ASN D 90 35.09 -14.33 19.02
N TYR D 91 34.24 -14.76 19.97
CA TYR D 91 32.80 -14.71 19.81
C TYR D 91 32.14 -14.06 20.99
N SER D 92 31.15 -13.23 20.71
CA SER D 92 30.18 -12.86 21.74
C SER D 92 29.33 -14.06 22.10
N GLU D 93 28.92 -14.13 23.36
CA GLU D 93 28.01 -15.20 23.79
C GLU D 93 26.55 -14.85 23.53
N ASP D 94 26.27 -13.69 22.94
CA ASP D 94 24.89 -13.27 22.71
C ASP D 94 24.20 -14.09 21.64
N LEU D 95 24.95 -14.75 20.76
CA LEU D 95 24.43 -15.47 19.62
C LEU D 95 25.19 -16.76 19.44
N PRO D 96 24.54 -17.79 18.88
CA PRO D 96 25.28 -19.00 18.53
C PRO D 96 26.38 -18.68 17.53
N ARG D 97 27.49 -19.42 17.63
CA ARG D 97 28.63 -19.15 16.77
C ARG D 97 28.25 -19.22 15.30
N ALA D 98 27.41 -20.21 14.94
CA ALA D 98 27.02 -20.35 13.54
C ALA D 98 26.27 -19.11 13.05
N VAL D 99 25.45 -18.51 13.92
CA VAL D 99 24.73 -17.30 13.56
C VAL D 99 25.69 -16.14 13.37
N ILE D 100 26.68 -16.02 14.25
CA ILE D 100 27.69 -14.97 14.12
C ILE D 100 28.48 -15.16 12.84
N ASP D 101 28.91 -16.40 12.57
CA ASP D 101 29.67 -16.68 11.36
C ASP D 101 28.87 -16.29 10.13
N ASP D 102 27.59 -16.65 10.12
CA ASP D 102 26.75 -16.37 8.97
C ASP D 102 26.48 -14.87 8.83
N ALA D 103 26.29 -14.18 9.95
CA ALA D 103 26.15 -12.73 9.91
C ALA D 103 27.34 -12.08 9.21
N PHE D 104 28.55 -12.47 9.59
CA PHE D 104 29.73 -11.88 8.96
C PHE D 104 29.82 -12.30 7.50
N ALA D 105 29.52 -13.57 7.22
CA ALA D 105 29.58 -14.03 5.83
C ALA D 105 28.62 -13.23 4.96
N ARG D 106 27.41 -13.01 5.44
CA ARG D 106 26.43 -12.28 4.63
C ARG D 106 26.85 -10.82 4.46
N ALA D 107 27.43 -10.24 5.51
CA ALA D 107 27.91 -8.86 5.39
C ALA D 107 29.02 -8.75 4.35
N PHE D 108 29.94 -9.72 4.31
CA PHE D 108 30.97 -9.72 3.27
C PHE D 108 30.35 -9.93 1.89
N ALA D 109 29.31 -10.77 1.81
CA ALA D 109 28.68 -11.06 0.52
C ALA D 109 28.11 -9.80 -0.13
N LEU D 110 27.64 -8.85 0.68
CA LEU D 110 27.18 -7.57 0.16
C LEU D 110 28.27 -6.89 -0.63
N TRP D 111 29.47 -6.82 -0.06
CA TRP D 111 30.56 -6.09 -0.68
C TRP D 111 31.19 -6.88 -1.82
N SER D 112 31.25 -8.20 -1.69
CA SER D 112 31.88 -8.99 -2.76
C SER D 112 31.09 -8.88 -4.07
N ALA D 113 29.76 -8.74 -4.01
CA ALA D 113 29.01 -8.68 -5.27
C ALA D 113 29.27 -7.39 -6.05
N VAL D 114 29.70 -6.32 -5.38
CA VAL D 114 29.80 -5.00 -6.00
C VAL D 114 31.26 -4.55 -6.15
N THR D 115 32.22 -5.43 -5.88
CA THR D 115 33.64 -5.13 -6.01
C THR D 115 34.33 -6.27 -6.73
N PRO D 116 35.58 -6.07 -7.17
CA PRO D 116 36.41 -7.20 -7.59
C PRO D 116 37.03 -7.98 -6.45
N LEU D 117 36.53 -7.80 -5.23
CA LEU D 117 37.11 -8.46 -4.06
C LEU D 117 36.39 -9.76 -3.74
N THR D 118 37.15 -10.71 -3.23
CA THR D 118 36.59 -11.92 -2.64
C THR D 118 37.01 -11.94 -1.18
N PHE D 119 36.21 -12.61 -0.36
CA PHE D 119 36.50 -12.69 1.06
C PHE D 119 36.55 -14.15 1.47
N THR D 120 37.67 -14.54 2.07
CA THR D 120 37.89 -15.92 2.47
C THR D 120 38.15 -15.98 3.97
N ARG D 121 37.37 -16.80 4.67
CA ARG D 121 37.59 -16.98 6.10
C ARG D 121 38.83 -17.83 6.33
N VAL D 122 39.70 -17.37 7.23
CA VAL D 122 40.90 -18.12 7.60
C VAL D 122 40.98 -18.18 9.12
N TYR D 123 42.17 -18.58 9.65
CA TYR D 123 42.35 -18.90 11.08
C TYR D 123 43.76 -18.45 11.54
N SER D 124 43.94 -17.13 11.66
CA SER D 124 45.24 -16.59 12.03
C SER D 124 45.22 -15.08 12.14
N ARG D 125 46.12 -14.51 12.95
CA ARG D 125 46.35 -13.07 12.91
C ARG D 125 46.88 -12.60 11.56
N ASP D 126 47.25 -13.52 10.67
CA ASP D 126 47.74 -13.14 9.35
C ASP D 126 46.62 -12.64 8.45
N ALA D 127 45.38 -12.98 8.74
CA ALA D 127 44.25 -12.52 7.95
C ALA D 127 44.32 -11.01 7.75
N ASP D 128 43.80 -10.53 6.62
CA ASP D 128 43.74 -9.10 6.40
C ASP D 128 42.84 -8.42 7.42
N ILE D 129 41.65 -8.98 7.62
CA ILE D 129 40.63 -8.39 8.48
C ILE D 129 40.49 -9.28 9.71
N VAL D 130 41.01 -8.82 10.84
CA VAL D 130 40.80 -9.52 12.09
C VAL D 130 39.54 -8.96 12.74
N ILE D 131 38.61 -9.87 13.10
CA ILE D 131 37.34 -9.52 13.71
C ILE D 131 37.40 -9.88 15.18
N GLN D 132 37.09 -8.91 16.05
CA GLN D 132 37.20 -9.11 17.50
C GLN D 132 35.97 -8.55 18.18
N PHE D 133 35.47 -9.28 19.18
CA PHE D 133 34.54 -8.76 20.17
C PHE D 133 35.32 -8.33 21.39
N GLY D 134 34.98 -7.18 21.96
CA GLY D 134 35.75 -6.69 23.08
C GLY D 134 34.99 -5.64 23.86
N VAL D 135 35.48 -5.35 25.07
CA VAL D 135 34.83 -4.38 25.95
C VAL D 135 35.87 -3.39 26.44
N ALA D 136 35.42 -2.15 26.65
CA ALA D 136 36.25 -1.08 27.25
C ALA D 136 37.58 -1.02 26.50
N GLU D 137 38.73 -0.97 27.18
CA GLU D 137 40.01 -1.00 26.50
C GLU D 137 40.30 -2.45 26.11
N HIS D 138 40.48 -2.68 24.80
CA HIS D 138 40.55 -4.05 24.30
C HIS D 138 41.80 -4.29 23.48
N GLY D 139 42.80 -3.42 23.60
CA GLY D 139 44.12 -3.66 23.04
C GLY D 139 44.58 -2.72 21.97
N ASP D 140 43.76 -1.78 21.49
CA ASP D 140 44.20 -0.87 20.44
C ASP D 140 44.23 0.58 20.88
N GLY D 141 43.97 0.87 22.16
CA GLY D 141 43.95 2.25 22.64
C GLY D 141 42.76 3.07 22.21
N TYR D 142 41.80 2.48 21.51
CA TYR D 142 40.54 3.13 21.18
C TYR D 142 39.43 2.42 21.95
N PRO D 143 39.24 2.74 23.23
CA PRO D 143 38.36 1.91 24.06
C PRO D 143 36.88 2.08 23.75
N PHE D 144 36.15 0.99 23.96
CA PHE D 144 34.69 1.01 23.89
C PHE D 144 34.12 1.62 25.16
N ASP D 145 32.79 1.83 25.15
CA ASP D 145 32.18 2.76 26.11
C ASP D 145 31.04 2.13 26.89
N GLY D 146 30.97 0.81 26.98
CA GLY D 146 29.85 0.18 27.64
C GLY D 146 28.63 0.14 26.75
N LYS D 147 27.47 -0.12 27.34
CA LYS D 147 26.26 -0.35 26.55
C LYS D 147 25.86 0.91 25.77
N ASP D 148 25.37 0.70 24.54
CA ASP D 148 24.94 1.79 23.65
C ASP D 148 26.09 2.76 23.40
N GLY D 149 25.81 4.00 23.03
CA GLY D 149 26.89 4.88 22.60
C GLY D 149 27.46 4.40 21.28
N LEU D 150 28.78 4.24 21.19
CA LEU D 150 29.37 3.68 19.99
C LEU D 150 29.36 2.16 20.06
N LEU D 151 29.11 1.53 18.92
CA LEU D 151 28.79 0.11 18.88
C LEU D 151 29.91 -0.75 18.35
N ALA D 152 30.83 -0.18 17.60
CA ALA D 152 31.86 -0.94 16.91
C ALA D 152 32.77 0.09 16.25
N HIS D 153 33.93 -0.37 15.78
CA HIS D 153 34.73 0.45 14.90
C HIS D 153 35.55 -0.46 14.00
N ALA D 154 36.22 0.15 13.04
CA ALA D 154 37.08 -0.57 12.11
C ALA D 154 38.13 0.40 11.59
N PHE D 155 39.14 -0.15 10.93
CA PHE D 155 40.28 0.63 10.47
C PHE D 155 40.47 0.44 8.98
N PRO D 156 40.99 1.44 8.28
CA PRO D 156 41.09 1.35 6.81
C PRO D 156 42.11 0.32 6.38
N PRO D 157 42.04 -0.12 5.12
CA PRO D 157 42.98 -1.14 4.61
C PRO D 157 44.43 -0.78 4.86
N GLY D 158 45.24 -1.82 5.08
CA GLY D 158 46.65 -1.67 5.29
C GLY D 158 47.16 -2.79 6.17
N PRO D 159 48.34 -2.62 6.74
CA PRO D 159 48.96 -3.67 7.54
C PRO D 159 48.54 -3.65 9.00
N GLY D 160 48.68 -4.81 9.65
CA GLY D 160 48.49 -4.91 11.08
C GLY D 160 47.06 -4.67 11.50
N ILE D 161 46.86 -3.69 12.39
CA ILE D 161 45.52 -3.34 12.86
C ILE D 161 44.67 -2.80 11.73
N GLN D 162 45.28 -2.27 10.69
CA GLN D 162 44.50 -1.75 9.58
C GLN D 162 43.73 -2.89 8.94
N GLY D 163 42.51 -2.57 8.48
CA GLY D 163 41.57 -3.58 8.01
C GLY D 163 40.77 -4.28 9.09
N ASP D 164 41.15 -4.16 10.37
CA ASP D 164 40.46 -4.94 11.39
C ASP D 164 39.11 -4.32 11.77
N ALA D 165 38.23 -5.16 12.34
CA ALA D 165 36.93 -4.67 12.78
C ALA D 165 36.61 -5.20 14.15
N HIS D 166 36.21 -4.30 15.06
CA HIS D 166 35.97 -4.62 16.46
C HIS D 166 34.55 -4.27 16.83
N PHE D 167 33.91 -5.15 17.59
CA PHE D 167 32.52 -4.98 18.00
C PHE D 167 32.45 -4.91 19.52
N ASP D 168 31.63 -3.98 20.02
CA ASP D 168 31.55 -3.71 21.44
C ASP D 168 30.68 -4.78 22.09
N ASP D 169 31.28 -5.66 22.89
CA ASP D 169 30.50 -6.75 23.44
C ASP D 169 29.78 -6.36 24.71
N ASP D 170 29.85 -5.10 25.12
CA ASP D 170 28.87 -4.59 26.07
C ASP D 170 27.53 -4.31 25.41
N GLU D 171 27.43 -4.46 24.08
CA GLU D 171 26.13 -4.42 23.43
C GLU D 171 25.48 -5.79 23.44
N LEU D 172 24.17 -5.79 23.34
CA LEU D 172 23.41 -7.01 23.10
C LEU D 172 23.36 -7.21 21.59
N TRP D 173 24.12 -8.19 21.09
CA TRP D 173 24.13 -8.49 19.67
C TRP D 173 23.01 -9.45 19.34
N SER D 174 22.28 -9.14 18.27
CA SER D 174 21.15 -9.92 17.83
C SER D 174 21.09 -9.85 16.31
N LEU D 175 19.96 -10.27 15.73
CA LEU D 175 19.80 -10.24 14.28
C LEU D 175 18.43 -9.68 13.87
N GLY D 180 18.26 -5.90 20.88
CA GLY D 180 19.68 -5.78 20.58
C GLY D 180 19.98 -4.98 19.32
N TYR D 181 21.24 -5.01 18.88
CA TYR D 181 21.65 -4.41 17.61
C TYR D 181 21.95 -5.52 16.62
N SER D 182 21.57 -5.32 15.35
CA SER D 182 21.86 -6.29 14.30
C SER D 182 23.36 -6.40 14.08
N LEU D 183 23.93 -7.56 14.41
CA LEU D 183 25.33 -7.80 14.11
C LEU D 183 25.57 -7.76 12.59
N PHE D 184 24.61 -8.26 11.81
CA PHE D 184 24.75 -8.23 10.36
C PHE D 184 24.85 -6.80 9.82
N LEU D 185 23.92 -5.93 10.22
CA LEU D 185 23.95 -4.56 9.69
C LEU D 185 25.18 -3.81 10.18
N VAL D 186 25.51 -3.91 11.48
CA VAL D 186 26.71 -3.21 11.96
C VAL D 186 27.97 -3.78 11.30
N ALA D 187 28.05 -5.10 11.14
CA ALA D 187 29.21 -5.66 10.45
C ALA D 187 29.32 -5.15 9.02
N ALA D 188 28.20 -5.11 8.31
CA ALA D 188 28.23 -4.64 6.93
C ALA D 188 28.78 -3.21 6.86
N HIS D 189 28.39 -2.35 7.80
CA HIS D 189 28.92 -1.00 7.88
C HIS D 189 30.41 -0.99 8.21
N GLU D 190 30.82 -1.75 9.25
CA GLU D 190 32.22 -1.72 9.63
C GLU D 190 33.10 -2.28 8.53
N PHE D 191 32.61 -3.32 7.83
CA PHE D 191 33.40 -3.85 6.73
C PHE D 191 33.58 -2.80 5.64
N GLY D 192 32.62 -1.87 5.48
CA GLY D 192 32.83 -0.74 4.58
C GLY D 192 34.10 0.04 4.91
N HIS D 193 34.30 0.34 6.19
CA HIS D 193 35.55 0.98 6.62
C HIS D 193 36.76 0.11 6.34
N ALA D 194 36.62 -1.21 6.61
CA ALA D 194 37.75 -2.11 6.40
C ALA D 194 38.12 -2.21 4.93
N LEU D 195 37.26 -1.74 4.02
CA LEU D 195 37.57 -1.70 2.60
C LEU D 195 37.98 -0.31 2.14
N GLY D 196 37.92 0.69 3.00
CA GLY D 196 38.37 2.02 2.62
C GLY D 196 37.31 3.09 2.64
N LEU D 197 36.08 2.83 3.03
CA LEU D 197 35.05 3.86 2.99
C LEU D 197 35.05 4.71 4.25
N ASP D 198 34.60 5.93 4.10
CA ASP D 198 34.31 6.85 5.20
C ASP D 198 32.80 6.91 5.40
N HIS D 199 32.39 7.74 6.33
CA HIS D 199 30.97 7.87 6.58
C HIS D 199 30.26 8.65 5.49
N SER D 200 29.02 8.24 5.24
CA SER D 200 28.11 8.93 4.32
C SER D 200 27.31 9.97 5.09
N SER D 201 26.96 11.06 4.41
CA SER D 201 26.01 12.00 4.97
C SER D 201 24.58 11.70 4.54
N VAL D 202 24.36 10.66 3.72
CA VAL D 202 23.00 10.28 3.33
C VAL D 202 22.37 9.44 4.43
N PRO D 203 21.28 9.91 5.05
CA PRO D 203 20.77 9.20 6.25
C PRO D 203 20.37 7.76 5.99
N GLU D 204 19.97 7.41 4.77
CA GLU D 204 19.52 6.06 4.48
C GLU D 204 20.66 5.13 4.07
N ALA D 205 21.84 5.67 3.79
CA ALA D 205 22.94 4.85 3.30
C ALA D 205 23.50 3.97 4.41
N LEU D 206 24.02 2.80 4.02
CA LEU D 206 24.66 1.90 4.98
C LEU D 206 25.77 2.61 5.76
N MET D 207 26.55 3.44 5.06
CA MET D 207 27.72 4.05 5.69
C MET D 207 27.39 5.31 6.49
N TYR D 208 26.13 5.67 6.62
CA TYR D 208 25.75 6.71 7.57
C TYR D 208 26.12 6.27 8.98
N PRO D 209 26.61 7.16 9.83
CA PRO D 209 27.23 6.70 11.08
C PRO D 209 26.27 6.21 12.14
N MET D 210 25.01 6.64 12.14
CA MET D 210 24.06 6.24 13.18
C MET D 210 23.48 4.87 12.86
N TYR D 211 23.20 4.10 13.90
CA TYR D 211 22.57 2.80 13.70
C TYR D 211 21.10 2.98 13.37
N ARG D 212 20.65 2.32 12.30
CA ARG D 212 19.25 2.21 11.97
C ARG D 212 18.97 0.77 11.61
N PHE D 213 17.92 0.19 12.19
CA PHE D 213 17.55 -1.16 11.80
C PHE D 213 16.72 -1.13 10.53
N THR D 214 16.95 -2.10 9.65
CA THR D 214 16.16 -2.25 8.45
C THR D 214 16.12 -3.72 8.05
N GLU D 215 15.00 -4.14 7.47
CA GLU D 215 14.90 -5.45 6.84
C GLU D 215 15.10 -5.40 5.33
N GLY D 216 15.24 -4.21 4.78
CA GLY D 216 15.49 -4.06 3.35
C GLY D 216 16.95 -4.25 3.02
N PRO D 217 17.23 -4.30 1.72
CA PRO D 217 18.63 -4.46 1.26
C PRO D 217 19.51 -3.37 1.82
N PRO D 218 20.63 -3.71 2.46
CA PRO D 218 21.39 -2.67 3.17
C PRO D 218 22.11 -1.68 2.25
N LEU D 219 22.60 -2.09 1.07
CA LEU D 219 23.39 -1.17 0.25
C LEU D 219 22.51 -0.13 -0.42
N HIS D 220 22.98 1.12 -0.44
CA HIS D 220 22.30 2.16 -1.19
C HIS D 220 23.24 2.69 -2.26
N LYS D 221 22.69 3.53 -3.15
CA LYS D 221 23.51 4.10 -4.22
C LYS D 221 24.79 4.73 -3.71
N ASP D 222 24.72 5.49 -2.61
CA ASP D 222 25.92 6.18 -2.16
C ASP D 222 27.00 5.19 -1.71
N ASP D 223 26.60 4.06 -1.14
CA ASP D 223 27.54 3.04 -0.69
C ASP D 223 28.23 2.39 -1.88
N VAL D 224 27.46 2.08 -2.90
CA VAL D 224 28.02 1.46 -4.10
C VAL D 224 28.89 2.44 -4.86
N ASN D 225 28.45 3.70 -4.96
CA ASN D 225 29.25 4.74 -5.58
C ASN D 225 30.61 4.87 -4.90
N GLY D 226 30.61 4.88 -3.56
CA GLY D 226 31.85 5.00 -2.83
C GLY D 226 32.78 3.83 -3.05
N ILE D 227 32.25 2.61 -3.03
CA ILE D 227 33.15 1.48 -3.13
C ILE D 227 33.65 1.34 -4.56
N ARG D 228 32.82 1.71 -5.55
CA ARG D 228 33.27 1.69 -6.93
C ARG D 228 34.37 2.71 -7.15
N HIS D 229 34.29 3.85 -6.47
CA HIS D 229 35.33 4.86 -6.62
C HIS D 229 36.69 4.32 -6.20
N LEU D 230 36.70 3.42 -5.22
CA LEU D 230 37.94 2.80 -4.77
C LEU D 230 38.38 1.63 -5.66
N TYR D 231 37.45 0.77 -6.04
CA TYR D 231 37.85 -0.51 -6.66
C TYR D 231 37.39 -0.69 -8.09
ZN ZN E . -13.10 17.58 12.50
ZN ZN F . -4.88 12.74 20.47
CA CA G . 0.34 7.89 11.30
CA CA H . -15.10 14.98 25.29
CA CA I . -16.20 5.61 26.77
ZN ZN J . -30.45 -3.61 -12.05
ZN ZN K . -42.30 -2.14 -14.64
CA CA L . -39.61 9.14 -16.98
CA CA M . -40.65 -10.76 -7.28
CA CA N . -45.46 -5.69 -0.48
ZN ZN O . 14.57 -15.83 -15.56
ZN ZN P . 2.80 -13.43 -18.79
CA CA Q . 6.03 -2.36 -20.16
CA CA R . 3.86 -22.81 -12.30
CA CA S . -1.20 -18.34 -5.41
ZN ZN T . 31.41 3.90 10.71
ZN ZN U . 39.17 -1.61 18.72
CA CA V . 44.60 -6.31 9.52
CA CA W . 29.01 0.86 23.32
CA CA X . 27.37 -8.48 24.51
#